data_6KZK
#
_entry.id   6KZK
#
_cell.length_a   105.770
_cell.length_b   188.316
_cell.length_c   91.106
_cell.angle_alpha   90.000
_cell.angle_beta   90.000
_cell.angle_gamma   90.000
#
_symmetry.space_group_name_H-M   'C 2 2 21'
#
loop_
_entity.id
_entity.type
_entity.pdbx_description
1 polymer 'Alginate lyase'
2 branched 'beta-D-mannopyranuronic acid-(1-4)-beta-D-mannopyranuronic acid-(1-4)-beta-D-mannopyranuronic acid'
3 non-polymer 'CALCIUM ION'
4 water water
#
_entity_poly.entity_id   1
_entity_poly.type   'polypeptide(L)'
_entity_poly.pdbx_seq_one_letter_code
;AIPSSLSINWNNYATGAYSSGNAASDFGNAGGWNQSRSYISDGTLRVTLLKNALSGAGGLISNIDVSDGTEYELDYDVRF
HSQFDWSRGGAVGFGFSIGEGNTGGDPGWDGNGGTLRMAWYQTDAGRVFFQPYIYHKDQPGQYGDTFGKSYPSSGSITKG
TTYHVHVYIKSNTGSNRDGRAQIIINGTTVLDTAIRWTTNDAQRLIKNMTFHTFRGGSQTYWQSPVDSYIYYDNLVLRKI
R
;
_entity_poly.pdbx_strand_id   A,B,C
#
# COMPACT_ATOMS: atom_id res chain seq x y z
N ALA A 1 34.81 -19.44 -5.57
CA ALA A 1 33.52 -19.03 -6.05
C ALA A 1 33.26 -17.52 -6.06
N ILE A 2 32.79 -17.07 -7.20
CA ILE A 2 32.36 -15.75 -7.43
C ILE A 2 31.07 -16.31 -7.84
N PRO A 3 30.09 -16.37 -6.87
CA PRO A 3 28.84 -17.01 -7.28
C PRO A 3 27.81 -16.18 -7.97
N SER A 4 26.75 -16.83 -8.42
CA SER A 4 25.65 -16.19 -9.07
C SER A 4 24.38 -16.45 -8.33
N SER A 5 24.45 -17.25 -7.29
CA SER A 5 23.31 -17.58 -6.51
C SER A 5 23.78 -18.25 -5.24
N LEU A 6 23.09 -18.00 -4.13
CA LEU A 6 23.46 -18.52 -2.82
C LEU A 6 22.20 -18.76 -2.03
N SER A 7 22.21 -19.78 -1.17
CA SER A 7 21.05 -20.08 -0.33
C SER A 7 21.54 -20.50 1.04
N ILE A 8 21.81 -19.52 1.89
CA ILE A 8 22.32 -19.76 3.24
C ILE A 8 21.19 -19.58 4.24
N ASN A 9 21.12 -20.48 5.21
CA ASN A 9 20.21 -20.36 6.33
C ASN A 9 20.85 -20.77 7.64
N TRP A 10 22.12 -21.19 7.61
CA TRP A 10 22.97 -21.37 8.78
C TRP A 10 22.50 -22.49 9.70
N ASN A 11 21.53 -23.31 9.27
CA ASN A 11 21.02 -24.37 10.12
C ASN A 11 22.03 -25.50 10.32
N ASN A 12 23.06 -25.59 9.48
CA ASN A 12 24.05 -26.64 9.57
C ASN A 12 25.14 -26.35 10.60
N TYR A 13 24.95 -25.33 11.46
CA TYR A 13 26.00 -24.85 12.35
C TYR A 13 25.60 -25.01 13.80
N ALA A 14 26.61 -25.34 14.61
CA ALA A 14 26.45 -25.33 16.05
C ALA A 14 26.43 -23.91 16.56
N THR A 15 25.60 -23.68 17.58
CA THR A 15 25.56 -22.39 18.25
C THR A 15 26.94 -22.06 18.80
N GLY A 16 27.60 -21.10 18.18
CA GLY A 16 28.91 -20.66 18.62
C GLY A 16 29.57 -19.77 17.61
N ALA A 17 30.89 -19.87 17.48
CA ALA A 17 31.62 -18.93 16.65
C ALA A 17 31.33 -19.16 15.18
N TYR A 18 31.46 -18.08 14.40
CA TYR A 18 31.35 -18.11 12.96
C TYR A 18 32.64 -17.57 12.38
N SER A 19 33.27 -18.35 11.52
CA SER A 19 34.62 -18.03 11.07
C SER A 19 34.55 -17.28 9.75
N SER A 20 35.63 -16.54 9.46
CA SER A 20 35.78 -15.90 8.16
C SER A 20 36.00 -16.94 7.07
N GLY A 21 36.62 -18.07 7.44
CA GLY A 21 36.61 -19.22 6.56
C GLY A 21 35.24 -19.85 6.47
N ASN A 22 34.51 -19.91 7.60
CA ASN A 22 33.08 -20.19 7.53
C ASN A 22 32.39 -19.21 6.59
N ALA A 23 32.74 -17.93 6.72
CA ALA A 23 32.15 -16.94 5.84
C ALA A 23 32.45 -17.28 4.39
N ALA A 24 33.74 -17.49 4.05
CA ALA A 24 34.06 -17.77 2.67
C ALA A 24 33.49 -19.10 2.24
N SER A 25 33.27 -20.02 3.18
CA SER A 25 32.70 -21.32 2.82
C SER A 25 31.29 -21.15 2.29
N ASP A 26 30.39 -20.60 3.11
CA ASP A 26 29.01 -20.40 2.71
C ASP A 26 28.83 -19.35 1.62
N PHE A 27 29.83 -18.51 1.33
CA PHE A 27 29.65 -17.38 0.42
C PHE A 27 30.51 -17.43 -0.83
N GLY A 28 31.47 -18.34 -0.92
CA GLY A 28 32.44 -18.39 -2.01
C GLY A 28 33.62 -17.43 -1.85
N ASN A 29 33.37 -16.29 -1.22
CA ASN A 29 34.38 -15.31 -0.86
C ASN A 29 33.74 -14.31 0.08
N ALA A 30 34.56 -13.71 0.95
CA ALA A 30 34.04 -12.77 1.95
C ALA A 30 35.16 -11.78 2.28
N GLY A 31 35.14 -10.62 1.61
CA GLY A 31 36.23 -9.68 1.59
C GLY A 31 36.81 -9.20 2.90
N GLY A 32 36.08 -8.37 3.64
CA GLY A 32 36.67 -7.72 4.79
C GLY A 32 36.14 -8.26 6.09
N TRP A 33 35.81 -9.55 6.09
CA TRP A 33 35.04 -10.14 7.17
C TRP A 33 35.84 -10.15 8.46
N ASN A 34 35.12 -10.01 9.58
CA ASN A 34 35.70 -9.88 10.92
C ASN A 34 35.03 -10.85 11.90
N GLN A 35 35.52 -12.11 11.97
CA GLN A 35 34.88 -13.13 12.80
C GLN A 35 34.73 -12.73 14.26
N SER A 36 35.54 -11.77 14.76
CA SER A 36 35.29 -11.29 16.11
C SER A 36 33.88 -10.71 16.23
N ARG A 37 33.27 -10.32 15.11
CA ARG A 37 31.93 -9.76 15.09
C ARG A 37 30.86 -10.72 14.58
N SER A 38 31.20 -11.93 14.16
CA SER A 38 30.18 -12.89 13.76
C SER A 38 30.05 -14.01 14.77
N TYR A 39 28.92 -14.73 14.70
CA TYR A 39 28.53 -15.75 15.68
C TYR A 39 27.24 -16.38 15.19
N ILE A 40 26.98 -17.62 15.61
CA ILE A 40 25.76 -18.31 15.16
C ILE A 40 24.80 -18.57 16.31
N SER A 41 23.92 -17.62 16.61
CA SER A 41 22.88 -17.83 17.62
C SER A 41 21.68 -18.55 17.03
N ASP A 42 21.16 -19.56 17.74
CA ASP A 42 20.09 -20.48 17.32
C ASP A 42 19.83 -20.53 15.83
N GLY A 43 20.87 -20.77 15.03
CA GLY A 43 20.66 -20.97 13.61
C GLY A 43 20.42 -19.69 12.86
N THR A 44 20.98 -18.58 13.34
CA THR A 44 20.85 -17.29 12.69
C THR A 44 22.21 -16.61 12.74
N LEU A 45 22.48 -15.77 11.77
CA LEU A 45 23.76 -15.08 11.73
C LEU A 45 23.65 -13.83 12.59
N ARG A 46 24.51 -13.74 13.62
CA ARG A 46 24.50 -12.64 14.58
C ARG A 46 25.73 -11.76 14.36
N VAL A 47 25.53 -10.61 13.76
CA VAL A 47 26.60 -9.62 13.69
C VAL A 47 26.52 -8.79 14.95
N THR A 48 27.68 -8.36 15.48
CA THR A 48 27.74 -7.61 16.73
C THR A 48 28.17 -6.18 16.43
N LEU A 49 27.56 -5.23 17.12
CA LEU A 49 27.87 -3.81 16.93
C LEU A 49 28.38 -3.29 18.27
N LEU A 50 29.69 -3.08 18.36
CA LEU A 50 30.32 -2.94 19.66
C LEU A 50 30.14 -1.54 20.22
N LYS A 51 30.22 -1.45 21.55
CA LYS A 51 30.00 -0.21 22.27
C LYS A 51 31.02 0.86 21.88
N ASN A 52 30.55 2.11 21.81
CA ASN A 52 31.39 3.30 21.70
C ASN A 52 32.17 3.36 20.39
N ALA A 53 31.79 2.58 19.39
CA ALA A 53 32.51 2.63 18.13
C ALA A 53 31.52 2.88 16.98
N LEU A 54 32.06 3.22 15.81
CA LEU A 54 31.24 3.48 14.64
C LEU A 54 31.76 2.69 13.43
N SER A 55 30.88 2.56 12.43
CA SER A 55 31.25 2.13 11.08
C SER A 55 32.00 0.80 11.16
N GLY A 56 33.04 0.64 10.32
CA GLY A 56 33.80 -0.60 10.29
C GLY A 56 34.49 -0.92 11.60
N ALA A 57 34.88 0.11 12.36
CA ALA A 57 35.48 -0.14 13.67
C ALA A 57 34.57 -0.95 14.58
N GLY A 58 33.26 -0.83 14.43
CA GLY A 58 32.41 -1.48 15.40
C GLY A 58 31.58 -2.61 14.85
N GLY A 59 31.53 -2.75 13.53
CA GLY A 59 30.58 -3.59 12.84
C GLY A 59 31.24 -4.60 11.93
N LEU A 60 30.54 -4.96 10.86
CA LEU A 60 31.03 -5.90 9.86
C LEU A 60 30.75 -5.37 8.47
N ILE A 61 31.79 -5.27 7.66
CA ILE A 61 31.71 -4.69 6.32
C ILE A 61 32.46 -5.63 5.38
N SER A 62 31.76 -6.62 4.83
CA SER A 62 32.34 -7.50 3.81
C SER A 62 31.60 -7.30 2.50
N ASN A 63 32.34 -7.42 1.39
CA ASN A 63 31.79 -7.36 0.04
C ASN A 63 32.00 -8.73 -0.58
N ILE A 64 30.92 -9.45 -0.83
CA ILE A 64 30.99 -10.76 -1.48
C ILE A 64 30.97 -10.54 -2.98
N ASP A 65 32.11 -10.76 -3.63
CA ASP A 65 32.17 -10.60 -5.08
C ASP A 65 31.30 -11.67 -5.72
N VAL A 66 30.49 -11.25 -6.70
CA VAL A 66 29.55 -12.15 -7.36
C VAL A 66 29.64 -11.93 -8.86
N SER A 67 29.19 -12.96 -9.58
CA SER A 67 29.17 -12.96 -11.05
C SER A 67 28.52 -11.69 -11.57
N ASP A 68 29.22 -11.01 -12.48
CA ASP A 68 28.69 -9.76 -13.01
C ASP A 68 27.35 -10.02 -13.68
N GLY A 69 26.47 -9.02 -13.60
CA GLY A 69 25.15 -9.10 -14.23
C GLY A 69 24.51 -7.75 -14.42
N THR A 70 23.30 -7.77 -14.97
CA THR A 70 22.50 -6.58 -15.18
C THR A 70 21.19 -6.57 -14.43
N GLU A 71 20.71 -7.72 -13.96
CA GLU A 71 19.58 -7.76 -13.05
C GLU A 71 19.84 -8.82 -12.01
N TYR A 72 19.60 -8.47 -10.76
CA TYR A 72 19.95 -9.29 -9.62
C TYR A 72 18.84 -9.12 -8.61
N GLU A 73 18.57 -10.17 -7.82
CA GLU A 73 17.67 -10.02 -6.69
C GLU A 73 18.22 -10.78 -5.48
N LEU A 74 17.79 -10.36 -4.30
CA LEU A 74 18.09 -11.12 -3.09
C LEU A 74 16.98 -10.91 -2.08
N ASP A 75 16.85 -11.90 -1.19
CA ASP A 75 15.89 -11.88 -0.08
C ASP A 75 16.63 -12.27 1.19
N TYR A 76 16.29 -11.60 2.30
CA TYR A 76 16.91 -11.95 3.58
C TYR A 76 15.97 -11.57 4.73
N ASP A 77 16.18 -12.21 5.87
CA ASP A 77 15.44 -11.95 7.10
C ASP A 77 16.34 -11.27 8.15
N VAL A 78 15.80 -10.30 8.89
CA VAL A 78 16.62 -9.57 9.86
C VAL A 78 15.78 -9.19 11.07
N ARG A 79 16.42 -9.21 12.24
CA ARG A 79 15.74 -9.08 13.53
C ARG A 79 16.65 -8.36 14.50
N PHE A 80 16.30 -7.13 14.87
CA PHE A 80 17.03 -6.42 15.91
C PHE A 80 16.81 -7.09 17.24
N HIS A 81 17.81 -6.98 18.12
CA HIS A 81 17.74 -7.62 19.43
C HIS A 81 16.51 -7.15 20.19
N SER A 82 15.93 -8.04 21.01
CA SER A 82 14.72 -7.68 21.73
C SER A 82 14.95 -6.49 22.67
N GLN A 83 16.18 -6.32 23.16
CA GLN A 83 16.60 -5.21 24.01
C GLN A 83 17.52 -4.22 23.29
N PHE A 84 17.48 -4.19 21.96
CA PHE A 84 18.38 -3.37 21.15
C PHE A 84 18.27 -1.89 21.51
N ASP A 85 19.36 -1.17 21.33
CA ASP A 85 19.38 0.27 21.52
C ASP A 85 19.41 0.88 20.13
N TRP A 86 18.28 1.46 19.70
CA TRP A 86 18.23 2.06 18.37
C TRP A 86 19.34 3.08 18.18
N SER A 87 19.45 4.05 19.10
CA SER A 87 20.31 5.20 18.84
C SER A 87 19.90 5.86 17.50
N ARG A 88 20.82 6.59 16.88
CA ARG A 88 20.44 7.38 15.72
C ARG A 88 20.21 6.52 14.49
N GLY A 89 21.02 5.50 14.29
CA GLY A 89 20.79 4.59 13.16
C GLY A 89 22.09 3.96 12.67
N GLY A 90 22.01 3.46 11.45
CA GLY A 90 23.13 2.79 10.82
C GLY A 90 22.65 1.90 9.70
N ALA A 91 23.62 1.18 9.12
CA ALA A 91 23.40 0.34 7.94
C ALA A 91 23.10 -1.09 8.37
N VAL A 92 22.30 -1.77 7.55
CA VAL A 92 21.77 -3.08 7.92
C VAL A 92 21.44 -3.88 6.66
N GLY A 93 21.70 -5.18 6.69
CA GLY A 93 21.25 -6.09 5.65
C GLY A 93 22.18 -6.24 4.46
N PHE A 94 21.67 -6.96 3.46
CA PHE A 94 22.40 -7.30 2.25
C PHE A 94 21.99 -6.36 1.12
N GLY A 95 22.98 -5.85 0.37
CA GLY A 95 22.73 -4.93 -0.73
C GLY A 95 23.52 -5.29 -1.98
N PHE A 96 23.46 -4.45 -3.02
CA PHE A 96 24.22 -4.65 -4.25
C PHE A 96 25.17 -3.47 -4.52
N SER A 97 26.30 -3.76 -5.14
CA SER A 97 27.20 -2.74 -5.67
C SER A 97 27.09 -2.69 -7.19
N ILE A 98 27.37 -1.52 -7.76
CA ILE A 98 27.42 -1.35 -9.20
C ILE A 98 28.67 -0.55 -9.53
N GLY A 99 29.40 -0.98 -10.56
CA GLY A 99 30.65 -0.32 -10.94
C GLY A 99 31.66 -0.19 -9.82
N GLU A 100 31.90 1.04 -9.38
CA GLU A 100 32.86 1.27 -8.31
C GLU A 100 32.24 1.23 -6.92
N GLY A 101 30.97 0.83 -6.82
CA GLY A 101 30.29 0.63 -5.55
C GLY A 101 30.33 1.81 -4.59
N ASN A 102 30.00 3.00 -5.08
CA ASN A 102 30.26 4.24 -4.36
C ASN A 102 29.64 4.22 -2.95
N THR A 103 30.48 4.40 -1.94
CA THR A 103 30.03 4.58 -0.56
C THR A 103 30.66 5.84 0.04
N GLY A 104 30.88 5.83 1.36
CA GLY A 104 31.57 6.90 2.05
C GLY A 104 30.91 8.22 1.78
N GLY A 105 31.70 9.27 1.74
CA GLY A 105 31.18 10.52 1.23
C GLY A 105 31.58 10.69 -0.22
N ASP A 106 31.36 9.66 -1.03
CA ASP A 106 31.89 9.57 -2.39
C ASP A 106 30.72 9.35 -3.34
N PRO A 107 29.98 10.43 -3.68
CA PRO A 107 28.79 10.26 -4.54
C PRO A 107 29.15 9.85 -5.96
N GLY A 108 28.28 9.03 -6.56
CA GLY A 108 28.53 8.50 -7.89
C GLY A 108 28.25 9.49 -9.02
N TRP A 109 28.61 10.77 -8.78
CA TRP A 109 28.38 11.85 -9.74
C TRP A 109 29.27 11.76 -10.97
N ASP A 110 30.38 11.02 -10.88
CA ASP A 110 31.24 10.81 -12.05
C ASP A 110 30.66 9.79 -13.03
N GLY A 111 29.54 9.14 -12.70
CA GLY A 111 28.94 8.13 -13.54
C GLY A 111 29.57 6.75 -13.43
N ASN A 112 30.43 6.51 -12.43
CA ASN A 112 31.19 5.27 -12.38
C ASN A 112 30.73 4.30 -11.32
N GLY A 113 29.58 4.52 -10.69
CA GLY A 113 29.00 3.45 -9.91
C GLY A 113 28.11 3.94 -8.79
N GLY A 114 27.67 2.97 -7.98
CA GLY A 114 26.87 3.28 -6.82
C GLY A 114 26.55 2.03 -6.03
N THR A 115 25.66 2.18 -5.04
CA THR A 115 25.19 1.05 -4.26
C THR A 115 23.69 1.15 -4.07
N LEU A 116 23.10 0.05 -3.61
CA LEU A 116 21.69 -0.02 -3.20
C LEU A 116 21.72 -0.74 -1.86
N ARG A 117 21.63 0.01 -0.77
CA ARG A 117 21.60 -0.59 0.57
C ARG A 117 20.46 0.02 1.36
N MET A 118 20.27 -0.50 2.57
CA MET A 118 19.24 -0.04 3.47
C MET A 118 19.86 0.42 4.79
N ALA A 119 19.13 1.29 5.48
CA ALA A 119 19.54 1.75 6.80
C ALA A 119 18.34 1.72 7.74
N TRP A 120 18.61 1.92 9.02
CA TRP A 120 17.57 2.29 9.94
C TRP A 120 17.90 3.68 10.46
N TYR A 121 16.87 4.48 10.72
CA TYR A 121 17.00 5.81 11.27
C TYR A 121 16.03 5.97 12.43
N GLN A 122 16.31 6.94 13.29
CA GLN A 122 15.36 7.36 14.32
C GLN A 122 15.32 8.87 14.32
N THR A 123 14.12 9.44 14.13
CA THR A 123 13.99 10.88 14.04
C THR A 123 14.18 11.53 15.43
N ASP A 124 14.28 12.86 15.44
CA ASP A 124 14.42 13.56 16.72
C ASP A 124 13.26 13.25 17.64
N ALA A 125 12.06 13.04 17.09
CA ALA A 125 10.90 12.71 17.90
C ALA A 125 10.83 11.24 18.29
N GLY A 126 11.70 10.39 17.75
CA GLY A 126 11.75 9.00 18.13
C GLY A 126 11.10 8.01 17.18
N ARG A 127 10.62 8.44 16.03
CA ARG A 127 10.13 7.46 15.06
C ARG A 127 11.33 6.72 14.47
N VAL A 128 11.22 5.38 14.37
CA VAL A 128 12.30 4.48 13.99
C VAL A 128 11.88 3.71 12.76
N PHE A 129 12.68 3.74 11.70
CA PHE A 129 12.21 3.07 10.50
C PHE A 129 13.37 2.63 9.62
N PHE A 130 13.02 1.82 8.66
CA PHE A 130 13.92 1.35 7.64
C PHE A 130 13.86 2.34 6.50
N GLN A 131 14.98 2.63 5.87
CA GLN A 131 15.02 3.54 4.74
C GLN A 131 16.02 3.17 3.67
N PRO A 132 15.65 3.47 2.37
CA PRO A 132 16.64 3.15 1.33
C PRO A 132 17.95 3.92 1.45
N TYR A 133 19.10 3.36 1.13
CA TYR A 133 20.36 4.12 1.21
C TYR A 133 21.15 4.04 -0.10
N ILE A 134 20.75 4.80 -1.09
CA ILE A 134 21.33 4.74 -2.40
C ILE A 134 22.39 5.72 -2.89
N TYR A 135 23.29 5.22 -3.70
CA TYR A 135 24.32 6.03 -4.31
C TYR A 135 24.17 5.82 -5.80
N HIS A 136 24.01 6.88 -6.57
CA HIS A 136 23.81 6.78 -8.01
C HIS A 136 24.34 8.05 -8.69
N LYS A 137 24.15 8.12 -10.01
CA LYS A 137 24.64 9.28 -10.76
C LYS A 137 24.03 10.59 -10.28
N ASP A 138 22.74 10.58 -9.92
CA ASP A 138 22.03 11.83 -9.66
C ASP A 138 21.66 12.00 -8.20
N GLN A 139 22.38 11.36 -7.29
CA GLN A 139 22.05 11.46 -5.88
C GLN A 139 22.20 12.91 -5.41
N PRO A 140 21.24 13.46 -4.66
CA PRO A 140 21.29 14.90 -4.38
C PRO A 140 22.41 15.32 -3.46
N GLY A 141 22.88 14.44 -2.58
CA GLY A 141 23.79 14.83 -1.52
C GLY A 141 25.15 14.17 -1.63
N GLN A 142 26.06 14.61 -0.74
CA GLN A 142 27.33 13.93 -0.56
C GLN A 142 27.11 12.46 -0.24
N TYR A 143 26.09 12.16 0.57
CA TYR A 143 25.86 10.85 1.17
C TYR A 143 24.73 10.14 0.45
N GLY A 144 24.21 9.06 1.07
CA GLY A 144 23.26 8.20 0.39
C GLY A 144 21.90 8.85 0.25
N ASP A 145 21.24 8.58 -0.88
CA ASP A 145 19.90 9.08 -1.18
C ASP A 145 18.86 8.08 -0.68
N THR A 146 17.89 8.58 0.11
CA THR A 146 16.83 7.76 0.70
C THR A 146 15.51 7.89 -0.04
N PHE A 147 15.45 8.69 -1.12
CA PHE A 147 14.20 9.00 -1.82
C PHE A 147 13.06 9.33 -0.85
N GLY A 148 13.39 9.80 0.36
CA GLY A 148 12.37 10.15 1.34
C GLY A 148 11.41 9.04 1.68
N LYS A 149 11.78 7.80 1.40
CA LYS A 149 10.95 6.66 1.72
C LYS A 149 11.28 6.09 3.11
N SER A 150 10.30 5.37 3.66
CA SER A 150 10.52 4.79 4.98
C SER A 150 9.60 3.60 5.18
N TYR A 151 10.09 2.62 5.94
CA TYR A 151 9.24 1.53 6.37
C TYR A 151 9.24 1.33 7.88
N PRO A 152 8.06 1.36 8.51
CA PRO A 152 6.76 1.67 7.91
C PRO A 152 6.64 3.11 7.49
N SER A 153 5.58 3.42 6.74
CA SER A 153 5.32 4.80 6.33
C SER A 153 5.02 5.66 7.53
N SER A 154 4.33 5.11 8.52
CA SER A 154 4.06 5.80 9.77
C SER A 154 4.12 4.79 10.90
N GLY A 155 4.54 5.25 12.06
CA GLY A 155 4.88 4.34 13.12
C GLY A 155 6.33 3.90 13.00
N SER A 156 6.66 2.81 13.68
CA SER A 156 8.06 2.45 13.85
C SER A 156 8.25 0.95 13.67
N ILE A 157 9.39 0.56 13.12
CA ILE A 157 9.77 -0.84 13.23
C ILE A 157 9.98 -1.16 14.72
N THR A 158 9.94 -2.45 15.06
CA THR A 158 9.96 -2.79 16.48
C THR A 158 10.96 -3.91 16.78
N LYS A 159 11.52 -3.85 17.99
CA LYS A 159 12.62 -4.74 18.39
C LYS A 159 12.17 -6.19 18.54
N GLY A 160 12.98 -7.10 18.01
CA GLY A 160 12.68 -8.51 18.06
C GLY A 160 11.77 -9.00 16.98
N THR A 161 11.33 -8.11 16.09
CA THR A 161 10.39 -8.47 15.05
C THR A 161 11.16 -8.79 13.77
N THR A 162 10.93 -9.99 13.24
CA THR A 162 11.60 -10.45 12.03
C THR A 162 11.02 -9.74 10.80
N TYR A 163 11.85 -8.99 10.09
CA TYR A 163 11.44 -8.39 8.83
C TYR A 163 12.09 -9.12 7.65
N HIS A 164 11.32 -9.33 6.59
CA HIS A 164 11.80 -10.00 5.39
C HIS A 164 12.03 -8.94 4.31
N VAL A 165 13.28 -8.75 3.93
CA VAL A 165 13.67 -7.77 2.92
C VAL A 165 13.81 -8.47 1.56
N HIS A 166 13.15 -7.93 0.54
CA HIS A 166 13.42 -8.28 -0.86
C HIS A 166 14.08 -7.09 -1.53
N VAL A 167 15.24 -7.33 -2.13
CA VAL A 167 16.04 -6.30 -2.77
C VAL A 167 16.16 -6.69 -4.24
N TYR A 168 16.04 -5.70 -5.12
CA TYR A 168 16.07 -5.96 -6.55
C TYR A 168 16.75 -4.81 -7.24
N ILE A 169 17.71 -5.10 -8.13
CA ILE A 169 18.50 -4.07 -8.80
C ILE A 169 18.68 -4.42 -10.27
N LYS A 170 18.60 -3.41 -11.14
CA LYS A 170 18.79 -3.60 -12.57
C LYS A 170 19.64 -2.47 -13.11
N SER A 171 20.80 -2.82 -13.66
CA SER A 171 21.69 -1.89 -14.33
C SER A 171 20.94 -1.13 -15.41
N ASN A 172 21.19 0.18 -15.47
CA ASN A 172 20.70 0.97 -16.58
C ASN A 172 21.73 0.98 -17.72
N THR A 173 21.40 1.68 -18.80
CA THR A 173 22.20 1.70 -20.02
C THR A 173 22.52 3.14 -20.40
N GLY A 174 23.80 3.41 -20.67
CA GLY A 174 24.22 4.71 -21.19
C GLY A 174 23.98 5.85 -20.20
N SER A 175 23.26 6.88 -20.66
CA SER A 175 22.86 7.99 -19.82
C SER A 175 21.37 7.99 -19.52
N ASN A 176 20.66 6.95 -19.94
CA ASN A 176 19.22 6.84 -19.69
C ASN A 176 18.93 6.50 -18.23
N ARG A 177 17.71 6.84 -17.81
CA ARG A 177 17.14 6.44 -16.52
C ARG A 177 16.31 5.16 -16.65
N ASP A 178 16.89 4.12 -17.26
CA ASP A 178 16.23 2.82 -17.41
C ASP A 178 16.79 1.77 -16.45
N GLY A 179 17.22 2.19 -15.26
CA GLY A 179 17.66 1.26 -14.24
C GLY A 179 16.55 1.05 -13.22
N ARG A 180 16.88 0.26 -12.19
CA ARG A 180 15.88 -0.07 -11.19
C ARG A 180 16.50 -0.23 -9.80
N ALA A 181 15.85 0.36 -8.81
CA ALA A 181 16.09 0.03 -7.40
C ALA A 181 14.75 -0.29 -6.76
N GLN A 182 14.60 -1.51 -6.26
CA GLN A 182 13.36 -1.97 -5.65
C GLN A 182 13.68 -2.59 -4.30
N ILE A 183 12.89 -2.20 -3.27
CA ILE A 183 13.01 -2.71 -1.90
C ILE A 183 11.60 -2.97 -1.38
N ILE A 184 11.30 -4.22 -1.05
CA ILE A 184 10.02 -4.63 -0.46
C ILE A 184 10.30 -5.20 0.92
N ILE A 185 9.60 -4.68 1.93
CA ILE A 185 9.73 -5.18 3.30
C ILE A 185 8.38 -5.75 3.73
N ASN A 186 8.41 -6.98 4.24
CA ASN A 186 7.20 -7.70 4.61
C ASN A 186 6.04 -7.49 3.63
N GLY A 187 6.30 -7.59 2.31
CA GLY A 187 5.25 -7.51 1.31
C GLY A 187 4.94 -6.11 0.80
N THR A 188 5.35 -5.07 1.54
CA THR A 188 5.08 -3.68 1.18
C THR A 188 6.21 -3.14 0.33
N THR A 189 5.87 -2.46 -0.75
CA THR A 189 6.93 -1.79 -1.49
C THR A 189 7.33 -0.53 -0.74
N VAL A 190 8.60 -0.46 -0.34
CA VAL A 190 9.17 0.78 0.16
C VAL A 190 9.64 1.66 -1.00
N LEU A 191 10.33 1.05 -1.98
CA LEU A 191 10.94 1.79 -3.07
C LEU A 191 10.89 0.95 -4.34
N ASP A 192 10.33 1.55 -5.39
CA ASP A 192 10.38 0.94 -6.72
C ASP A 192 10.50 2.11 -7.70
N THR A 193 11.74 2.43 -8.10
CA THR A 193 11.98 3.64 -8.87
C THR A 193 12.95 3.36 -10.01
N ALA A 194 12.66 3.94 -11.16
CA ALA A 194 13.70 4.10 -12.16
C ALA A 194 14.84 4.89 -11.54
N ILE A 195 16.05 4.63 -12.03
CA ILE A 195 17.25 5.25 -11.48
C ILE A 195 18.30 5.23 -12.57
N ARG A 196 19.25 6.14 -12.47
CA ARG A 196 20.40 6.18 -13.37
C ARG A 196 21.66 5.90 -12.54
N TRP A 197 21.99 4.61 -12.34
CA TRP A 197 23.14 4.25 -11.51
C TRP A 197 24.40 4.91 -12.04
N THR A 198 24.73 4.60 -13.29
CA THR A 198 25.98 4.95 -13.92
C THR A 198 25.68 5.58 -15.28
N THR A 199 26.65 6.34 -15.79
CA THR A 199 26.63 6.85 -17.16
C THR A 199 27.80 6.36 -17.99
N ASN A 200 28.79 5.70 -17.39
CA ASN A 200 29.86 5.04 -18.11
C ASN A 200 29.51 3.56 -18.24
N ASP A 201 29.28 3.09 -19.47
CA ASP A 201 28.82 1.72 -19.68
C ASP A 201 29.88 0.68 -19.30
N ALA A 202 31.06 1.11 -18.88
CA ALA A 202 32.06 0.14 -18.42
C ALA A 202 31.88 -0.23 -16.96
N GLN A 203 31.42 0.70 -16.12
CA GLN A 203 31.03 0.44 -14.74
C GLN A 203 29.53 0.20 -14.61
N ARG A 204 28.89 -0.13 -15.72
CA ARG A 204 27.46 -0.35 -15.80
C ARG A 204 26.98 -1.53 -14.94
N LEU A 205 27.86 -2.48 -14.63
CA LEU A 205 27.44 -3.79 -14.16
C LEU A 205 27.42 -3.93 -12.63
N ILE A 206 26.56 -4.82 -12.15
CA ILE A 206 26.50 -5.21 -10.75
C ILE A 206 27.65 -6.16 -10.47
N LYS A 207 28.47 -5.83 -9.48
CA LYS A 207 29.73 -6.52 -9.33
C LYS A 207 29.81 -7.41 -8.10
N ASN A 208 29.09 -7.06 -7.03
CA ASN A 208 29.21 -7.79 -5.77
C ASN A 208 28.03 -7.43 -4.87
N MET A 209 27.92 -8.19 -3.79
CA MET A 209 26.83 -8.06 -2.81
C MET A 209 27.40 -7.54 -1.50
N THR A 210 26.98 -6.36 -1.12
CA THR A 210 27.42 -5.76 0.13
C THR A 210 26.79 -6.50 1.30
N PHE A 211 27.56 -6.64 2.39
CA PHE A 211 27.04 -7.04 3.71
C PHE A 211 27.62 -6.03 4.70
N HIS A 212 26.89 -4.93 4.88
CA HIS A 212 27.37 -3.75 5.59
C HIS A 212 26.48 -3.51 6.80
N THR A 213 26.98 -3.86 7.99
CA THR A 213 26.25 -3.67 9.24
C THR A 213 27.11 -2.83 10.16
N PHE A 214 26.57 -1.69 10.60
CA PHE A 214 27.31 -0.84 11.51
C PHE A 214 26.40 0.29 11.99
N ARG A 215 26.85 0.97 13.03
CA ARG A 215 26.25 2.23 13.44
C ARG A 215 26.88 3.38 12.66
N GLY A 216 26.14 4.48 12.58
CA GLY A 216 26.59 5.67 11.88
C GLY A 216 26.29 5.74 10.39
N GLY A 217 26.52 6.91 9.78
CA GLY A 217 26.83 8.13 10.50
C GLY A 217 28.29 8.26 10.91
N SER A 218 28.71 9.50 11.19
CA SER A 218 30.07 9.75 11.63
C SER A 218 30.15 10.64 12.86
N GLN A 219 29.09 11.36 13.21
CA GLN A 219 29.10 12.20 14.40
C GLN A 219 28.98 11.32 15.64
N THR A 220 29.47 11.85 16.76
CA THR A 220 29.60 11.02 17.96
C THR A 220 28.26 10.44 18.41
N TYR A 221 27.14 11.10 18.12
CA TYR A 221 25.87 10.68 18.69
C TYR A 221 25.23 9.49 17.98
N TRP A 222 25.80 8.98 16.89
CA TRP A 222 25.27 7.73 16.33
C TRP A 222 25.64 6.52 17.16
N GLN A 223 26.49 6.66 18.18
CA GLN A 223 27.10 5.55 18.89
C GLN A 223 26.16 5.03 19.98
N SER A 224 26.64 4.01 20.71
CA SER A 224 25.84 3.35 21.74
C SER A 224 26.79 2.75 22.77
N PRO A 225 26.51 2.87 24.07
CA PRO A 225 27.47 2.43 25.09
C PRO A 225 27.44 0.94 25.40
N VAL A 226 26.48 0.20 24.88
CA VAL A 226 26.46 -1.25 25.02
C VAL A 226 26.83 -1.88 23.68
N ASP A 227 27.26 -3.13 23.74
CA ASP A 227 27.37 -3.89 22.52
C ASP A 227 25.97 -4.34 22.12
N SER A 228 25.74 -4.43 20.81
CA SER A 228 24.42 -4.55 20.25
C SER A 228 24.44 -5.67 19.21
N TYR A 229 23.27 -6.23 18.94
CA TYR A 229 23.23 -7.44 18.13
C TYR A 229 22.13 -7.34 17.08
N ILE A 230 22.45 -7.79 15.88
CA ILE A 230 21.50 -7.90 14.77
C ILE A 230 21.59 -9.31 14.22
N TYR A 231 20.44 -9.93 13.98
CA TYR A 231 20.38 -11.34 13.58
C TYR A 231 19.82 -11.47 12.18
N TYR A 232 20.52 -12.22 11.34
CA TYR A 232 20.13 -12.49 9.96
C TYR A 232 19.80 -13.97 9.77
N ASP A 233 19.03 -14.25 8.71
CA ASP A 233 18.66 -15.63 8.39
C ASP A 233 18.07 -15.68 6.99
N ASN A 234 18.24 -16.84 6.35
CA ASN A 234 17.52 -17.23 5.13
C ASN A 234 17.79 -16.26 3.97
N LEU A 235 19.08 -16.13 3.63
CA LEU A 235 19.48 -15.31 2.49
C LEU A 235 19.39 -16.13 1.21
N VAL A 236 18.69 -15.59 0.22
CA VAL A 236 18.65 -16.18 -1.11
C VAL A 236 19.07 -15.09 -2.09
N LEU A 237 20.31 -15.16 -2.56
CA LEU A 237 20.80 -14.33 -3.66
C LEU A 237 20.57 -15.07 -4.98
N ARG A 238 20.27 -14.31 -6.04
CA ARG A 238 20.02 -14.97 -7.32
C ARG A 238 20.28 -13.99 -8.45
N LYS A 239 21.16 -14.38 -9.39
CA LYS A 239 21.42 -13.61 -10.59
C LYS A 239 20.28 -13.83 -11.59
N ILE A 240 19.78 -12.73 -12.16
CA ILE A 240 18.58 -12.77 -13.00
C ILE A 240 18.92 -12.69 -14.48
N ARG A 241 19.72 -11.70 -14.89
CA ARG A 241 19.97 -11.47 -16.32
C ARG A 241 21.25 -10.69 -16.59
N ALA B 1 7.58 -23.43 1.58
CA ALA B 1 6.24 -24.04 1.63
C ALA B 1 5.16 -22.98 1.82
N ILE B 2 4.23 -22.94 0.87
CA ILE B 2 3.06 -22.10 1.01
C ILE B 2 1.89 -23.04 1.28
N PRO B 3 1.63 -23.36 2.55
CA PRO B 3 0.72 -24.46 2.89
C PRO B 3 -0.68 -24.28 2.32
N SER B 4 -1.35 -25.41 2.16
CA SER B 4 -2.76 -25.41 1.81
C SER B 4 -3.63 -25.91 2.96
N SER B 5 -3.04 -26.62 3.91
CA SER B 5 -3.70 -26.97 5.15
C SER B 5 -2.64 -27.02 6.23
N LEU B 6 -3.07 -27.09 7.50
CA LEU B 6 -2.14 -27.16 8.60
C LEU B 6 -2.79 -27.88 9.78
N SER B 7 -2.00 -28.72 10.45
CA SER B 7 -2.35 -29.26 11.75
C SER B 7 -1.17 -28.97 12.65
N ILE B 8 -1.35 -28.07 13.60
CA ILE B 8 -0.29 -27.74 14.54
C ILE B 8 -0.85 -27.91 15.94
N ASN B 9 -0.16 -28.69 16.76
CA ASN B 9 -0.56 -28.88 18.13
C ASN B 9 0.58 -28.63 19.13
N TRP B 10 1.77 -28.28 18.64
CA TRP B 10 2.92 -27.91 19.48
C TRP B 10 3.29 -29.00 20.50
N ASN B 11 2.93 -30.25 20.27
CA ASN B 11 3.24 -31.30 21.24
C ASN B 11 4.68 -31.77 21.19
N ASN B 12 5.50 -31.20 20.31
CA ASN B 12 6.83 -31.75 20.04
C ASN B 12 7.94 -30.87 20.60
N TYR B 13 7.63 -30.04 21.57
CA TYR B 13 8.62 -29.08 22.06
C TYR B 13 8.73 -29.19 23.57
N ALA B 14 9.96 -29.34 24.04
CA ALA B 14 10.25 -29.01 25.42
C ALA B 14 9.64 -27.66 25.74
N THR B 15 9.00 -27.57 26.89
CA THR B 15 8.63 -26.25 27.40
C THR B 15 9.85 -25.34 27.40
N GLY B 16 9.79 -24.27 26.61
CA GLY B 16 10.95 -23.40 26.42
C GLY B 16 10.74 -22.46 25.24
N ALA B 17 11.87 -21.91 24.76
CA ALA B 17 11.85 -20.86 23.75
C ALA B 17 11.16 -21.33 22.48
N TYR B 18 10.67 -20.37 21.70
CA TYR B 18 9.99 -20.66 20.43
C TYR B 18 10.43 -19.63 19.42
N SER B 19 11.11 -20.08 18.38
CA SER B 19 11.88 -19.23 17.49
C SER B 19 11.09 -18.88 16.23
N SER B 20 11.50 -17.76 15.62
CA SER B 20 11.08 -17.47 14.27
C SER B 20 11.30 -18.65 13.34
N GLY B 21 12.37 -19.41 13.58
CA GLY B 21 12.58 -20.65 12.85
C GLY B 21 11.50 -21.68 13.11
N ASN B 22 11.19 -21.93 14.39
CA ASN B 22 10.14 -22.91 14.69
C ASN B 22 8.81 -22.50 14.09
N ALA B 23 8.54 -21.19 14.05
CA ALA B 23 7.31 -20.71 13.47
C ALA B 23 7.22 -21.07 11.99
N ALA B 24 8.33 -20.90 11.26
CA ALA B 24 8.38 -21.26 9.86
C ALA B 24 8.22 -22.77 9.66
N SER B 25 8.84 -23.56 10.53
CA SER B 25 8.82 -25.00 10.35
C SER B 25 7.45 -25.60 10.63
N ASP B 26 6.63 -24.93 11.44
CA ASP B 26 5.31 -25.47 11.75
C ASP B 26 4.23 -24.92 10.83
N PHE B 27 4.31 -23.63 10.45
CA PHE B 27 3.34 -23.01 9.55
C PHE B 27 3.80 -22.99 8.10
N GLY B 28 5.00 -23.39 7.81
CA GLY B 28 5.47 -23.23 6.46
C GLY B 28 6.05 -21.83 6.31
N ASN B 29 5.38 -20.87 6.91
CA ASN B 29 5.84 -19.52 6.89
C ASN B 29 5.13 -18.70 7.92
N ALA B 30 5.75 -17.61 8.29
CA ALA B 30 5.24 -16.78 9.32
C ALA B 30 6.15 -15.61 9.30
N GLY B 31 5.64 -14.54 8.80
CA GLY B 31 6.40 -13.36 8.57
C GLY B 31 6.86 -12.20 9.37
N GLY B 32 6.22 -11.83 10.44
CA GLY B 32 6.68 -10.69 11.20
C GLY B 32 6.71 -11.20 12.59
N TRP B 33 7.34 -12.34 12.75
CA TRP B 33 7.35 -13.02 14.02
C TRP B 33 8.19 -12.22 15.02
N ASN B 34 7.98 -12.51 16.30
CA ASN B 34 8.78 -11.95 17.37
C ASN B 34 8.95 -13.05 18.41
N GLN B 35 10.13 -13.69 18.45
CA GLN B 35 10.30 -14.85 19.30
C GLN B 35 10.40 -14.47 20.78
N SER B 36 10.97 -13.30 21.09
CA SER B 36 10.99 -12.86 22.49
C SER B 36 9.60 -12.86 23.13
N ARG B 37 8.52 -13.08 22.35
CA ARG B 37 7.15 -13.12 22.85
C ARG B 37 6.46 -14.46 22.57
N SER B 38 7.19 -15.49 22.15
CA SER B 38 6.62 -16.80 21.89
C SER B 38 7.37 -17.86 22.68
N TYR B 39 6.63 -18.67 23.42
CA TYR B 39 7.17 -19.68 24.31
C TYR B 39 6.30 -20.91 24.18
N ILE B 40 6.90 -22.09 24.30
CA ILE B 40 6.12 -23.32 24.42
C ILE B 40 5.90 -23.55 25.90
N SER B 41 4.64 -23.68 26.30
CA SER B 41 4.25 -23.86 27.70
C SER B 41 3.38 -25.10 27.75
N ASP B 42 3.96 -26.22 28.16
CA ASP B 42 3.23 -27.45 28.37
C ASP B 42 2.42 -27.81 27.13
N GLY B 43 3.13 -28.00 26.04
CA GLY B 43 2.49 -28.34 24.79
C GLY B 43 1.55 -27.29 24.25
N THR B 44 1.72 -26.02 24.63
CA THR B 44 0.92 -24.95 24.06
C THR B 44 1.82 -23.79 23.65
N LEU B 45 1.39 -23.02 22.65
CA LEU B 45 2.14 -21.86 22.20
C LEU B 45 1.59 -20.63 22.88
N ARG B 46 2.42 -20.01 23.72
CA ARG B 46 2.04 -18.85 24.51
C ARG B 46 2.68 -17.61 23.92
N VAL B 47 1.83 -16.61 23.62
CA VAL B 47 2.25 -15.29 23.18
C VAL B 47 2.29 -14.36 24.40
N THR B 48 3.27 -13.46 24.43
CA THR B 48 3.37 -12.44 25.46
C THR B 48 2.82 -11.12 24.95
N LEU B 49 2.03 -10.46 25.78
CA LEU B 49 1.52 -9.11 25.53
C LEU B 49 2.27 -8.16 26.48
N LEU B 50 3.35 -7.55 25.98
CA LEU B 50 4.26 -6.74 26.81
C LEU B 50 3.52 -5.69 27.61
N LYS B 51 4.10 -5.34 28.76
CA LYS B 51 3.52 -4.30 29.59
C LYS B 51 3.74 -2.94 28.94
N ASN B 52 2.80 -2.03 29.17
CA ASN B 52 2.88 -0.62 28.74
C ASN B 52 3.17 -0.47 27.24
N ALA B 53 2.38 -1.14 26.41
CA ALA B 53 2.65 -1.11 24.98
C ALA B 53 1.39 -1.59 24.24
N LEU B 54 1.33 -1.26 22.95
CA LEU B 54 0.20 -1.62 22.11
C LEU B 54 0.70 -2.09 20.75
N SER B 55 -0.20 -2.75 20.02
CA SER B 55 -0.02 -3.10 18.61
C SER B 55 1.20 -4.04 18.49
N GLY B 56 1.90 -3.99 17.35
CA GLY B 56 3.09 -4.81 17.16
C GLY B 56 4.23 -4.46 18.10
N ALA B 57 4.20 -3.29 18.71
CA ALA B 57 5.20 -2.97 19.71
C ALA B 57 5.13 -3.91 20.90
N GLY B 58 3.95 -4.46 21.20
CA GLY B 58 3.80 -5.22 22.43
C GLY B 58 3.39 -6.67 22.31
N GLY B 59 2.93 -7.09 21.14
CA GLY B 59 2.48 -8.47 20.96
C GLY B 59 3.19 -9.12 19.78
N LEU B 60 2.42 -9.90 19.02
CA LEU B 60 2.91 -10.73 17.92
C LEU B 60 1.94 -10.59 16.77
N ILE B 61 2.42 -10.12 15.62
CA ILE B 61 1.56 -9.80 14.47
C ILE B 61 2.15 -10.54 13.27
N SER B 62 1.66 -11.75 13.02
CA SER B 62 2.21 -12.60 11.97
C SER B 62 1.16 -12.93 10.94
N ASN B 63 1.60 -12.96 9.67
CA ASN B 63 0.76 -13.38 8.56
C ASN B 63 1.41 -14.60 7.94
N ILE B 64 0.67 -15.70 7.88
CA ILE B 64 1.13 -16.92 7.26
C ILE B 64 0.60 -16.94 5.84
N ASP B 65 1.46 -16.71 4.87
CA ASP B 65 1.04 -16.80 3.48
C ASP B 65 0.58 -18.23 3.17
N VAL B 66 -0.62 -18.34 2.62
CA VAL B 66 -1.23 -19.62 2.30
C VAL B 66 -1.53 -19.65 0.82
N SER B 67 -1.86 -20.84 0.33
CA SER B 67 -2.31 -20.97 -1.04
C SER B 67 -3.60 -20.19 -1.22
N ASP B 68 -3.71 -19.45 -2.32
CA ASP B 68 -4.87 -18.59 -2.53
C ASP B 68 -6.10 -19.43 -2.86
N GLY B 69 -7.27 -19.02 -2.36
CA GLY B 69 -8.49 -19.78 -2.53
C GLY B 69 -9.72 -18.93 -2.31
N THR B 70 -10.90 -19.51 -2.57
CA THR B 70 -12.16 -18.78 -2.42
C THR B 70 -12.96 -19.18 -1.19
N GLU B 71 -12.65 -20.33 -0.59
CA GLU B 71 -13.21 -20.76 0.68
C GLU B 71 -12.10 -21.36 1.54
N TYR B 72 -12.11 -21.03 2.82
CA TYR B 72 -11.16 -21.57 3.77
C TYR B 72 -11.83 -21.74 5.13
N GLU B 73 -11.16 -22.45 6.03
CA GLU B 73 -11.65 -22.59 7.39
C GLU B 73 -10.50 -22.97 8.31
N LEU B 74 -10.62 -22.59 9.58
CA LEU B 74 -9.62 -22.96 10.56
C LEU B 74 -10.29 -23.22 11.90
N ASP B 75 -9.58 -23.96 12.74
CA ASP B 75 -10.01 -24.19 14.11
C ASP B 75 -8.79 -24.01 15.00
N TYR B 76 -9.02 -23.54 16.22
CA TYR B 76 -7.96 -23.41 17.22
C TYR B 76 -8.59 -23.22 18.60
N ASP B 77 -7.83 -23.61 19.63
CA ASP B 77 -8.18 -23.37 21.02
C ASP B 77 -7.37 -22.19 21.57
N VAL B 78 -8.04 -21.30 22.31
CA VAL B 78 -7.38 -20.14 22.92
C VAL B 78 -7.82 -19.99 24.37
N ARG B 79 -6.87 -19.57 25.21
CA ARG B 79 -7.05 -19.44 26.65
C ARG B 79 -6.32 -18.19 27.10
N PHE B 80 -7.01 -17.31 27.83
CA PHE B 80 -6.35 -16.24 28.56
C PHE B 80 -5.81 -16.78 29.88
N HIS B 81 -4.65 -16.27 30.29
CA HIS B 81 -4.06 -16.66 31.56
C HIS B 81 -5.06 -16.42 32.68
N SER B 82 -5.02 -17.25 33.72
CA SER B 82 -6.09 -17.21 34.71
C SER B 82 -6.10 -15.88 35.46
N GLN B 83 -4.95 -15.22 35.57
CA GLN B 83 -4.84 -13.90 36.16
C GLN B 83 -4.86 -12.80 35.10
N PHE B 84 -5.20 -13.13 33.85
CA PHE B 84 -5.13 -12.18 32.75
C PHE B 84 -5.85 -10.90 33.13
N ASP B 85 -5.16 -9.78 32.92
CA ASP B 85 -5.74 -8.47 33.13
C ASP B 85 -6.45 -8.09 31.84
N TRP B 86 -7.78 -8.11 31.87
CA TRP B 86 -8.55 -7.98 30.63
C TRP B 86 -8.20 -6.67 29.94
N SER B 87 -8.20 -5.59 30.71
CA SER B 87 -8.02 -4.20 30.24
C SER B 87 -9.08 -3.92 29.19
N ARG B 88 -8.79 -3.04 28.23
CA ARG B 88 -9.81 -2.57 27.32
C ARG B 88 -10.11 -3.59 26.22
N GLY B 89 -9.13 -4.42 25.88
CA GLY B 89 -9.29 -5.40 24.82
C GLY B 89 -8.13 -5.37 23.85
N GLY B 90 -8.31 -6.08 22.75
CA GLY B 90 -7.26 -6.29 21.78
C GLY B 90 -7.66 -7.34 20.77
N ALA B 91 -6.71 -7.65 19.88
CA ALA B 91 -6.89 -8.67 18.86
C ALA B 91 -6.40 -10.01 19.38
N VAL B 92 -7.10 -11.06 18.98
CA VAL B 92 -6.74 -12.38 19.43
C VAL B 92 -7.04 -13.34 18.31
N GLY B 93 -6.32 -14.45 18.27
CA GLY B 93 -6.73 -15.56 17.45
C GLY B 93 -6.10 -15.60 16.08
N PHE B 94 -6.58 -16.56 15.31
CA PHE B 94 -6.17 -16.81 13.94
C PHE B 94 -7.30 -16.41 13.02
N GLY B 95 -6.98 -15.61 12.01
CA GLY B 95 -8.00 -15.19 11.06
C GLY B 95 -7.56 -15.31 9.63
N PHE B 96 -8.26 -14.64 8.71
CA PHE B 96 -7.90 -14.67 7.31
C PHE B 96 -7.81 -13.27 6.72
N SER B 97 -7.19 -13.20 5.56
CA SER B 97 -7.01 -11.96 4.85
C SER B 97 -7.44 -12.15 3.40
N ILE B 98 -8.17 -11.18 2.87
CA ILE B 98 -8.60 -11.18 1.47
C ILE B 98 -7.96 -9.99 0.75
N GLY B 99 -7.50 -10.21 -0.48
CA GLY B 99 -7.02 -9.10 -1.27
C GLY B 99 -5.82 -8.42 -0.63
N GLU B 100 -5.80 -7.08 -0.69
CA GLU B 100 -4.73 -6.33 -0.04
C GLU B 100 -4.73 -6.49 1.47
N GLY B 101 -5.71 -7.20 2.05
CA GLY B 101 -5.73 -7.55 3.46
C GLY B 101 -5.77 -6.37 4.40
N ASN B 102 -6.84 -5.59 4.35
CA ASN B 102 -6.89 -4.34 5.10
C ASN B 102 -7.03 -4.57 6.60
N THR B 103 -6.24 -3.81 7.36
CA THR B 103 -6.28 -3.76 8.81
C THR B 103 -5.91 -2.34 9.20
N GLY B 104 -5.87 -2.08 10.51
CA GLY B 104 -5.47 -0.75 10.89
C GLY B 104 -6.56 0.27 10.54
N GLY B 105 -6.16 1.52 10.43
CA GLY B 105 -7.18 2.51 10.11
C GLY B 105 -7.50 2.57 8.62
N ASP B 106 -7.30 1.47 7.89
CA ASP B 106 -7.31 1.46 6.43
C ASP B 106 -8.53 0.67 5.95
N PRO B 107 -9.67 1.32 5.77
CA PRO B 107 -10.87 0.57 5.40
C PRO B 107 -10.73 -0.04 4.01
N GLY B 108 -11.42 -1.16 3.81
CA GLY B 108 -11.51 -1.78 2.50
C GLY B 108 -12.59 -1.16 1.62
N TRP B 109 -12.85 0.14 1.78
CA TRP B 109 -13.79 0.84 0.91
C TRP B 109 -13.35 0.84 -0.55
N ASP B 110 -12.05 0.74 -0.85
CA ASP B 110 -11.61 0.75 -2.24
C ASP B 110 -12.08 -0.47 -3.01
N GLY B 111 -12.67 -1.46 -2.33
CA GLY B 111 -13.09 -2.71 -2.95
C GLY B 111 -11.98 -3.68 -3.24
N ASN B 112 -10.82 -3.54 -2.59
CA ASN B 112 -9.62 -4.30 -2.95
C ASN B 112 -9.03 -5.07 -1.78
N GLY B 113 -9.82 -5.36 -0.74
CA GLY B 113 -9.27 -6.17 0.33
C GLY B 113 -10.03 -6.14 1.63
N GLY B 114 -9.99 -7.24 2.38
CA GLY B 114 -10.53 -7.30 3.72
C GLY B 114 -9.72 -8.23 4.59
N THR B 115 -10.20 -8.42 5.82
CA THR B 115 -9.65 -9.36 6.80
C THR B 115 -10.75 -9.79 7.74
N LEU B 116 -10.72 -11.05 8.13
CA LEU B 116 -11.61 -11.61 9.13
C LEU B 116 -10.73 -11.98 10.32
N ARG B 117 -10.94 -11.30 11.45
CA ARG B 117 -10.20 -11.54 12.68
C ARG B 117 -11.16 -11.37 13.84
N MET B 118 -10.65 -11.61 15.06
CA MET B 118 -11.46 -11.60 16.26
C MET B 118 -10.82 -10.71 17.31
N ALA B 119 -11.64 -10.18 18.23
CA ALA B 119 -11.17 -9.28 19.29
C ALA B 119 -11.87 -9.59 20.62
N TRP B 120 -11.16 -9.35 21.74
CA TRP B 120 -11.86 -9.24 23.01
C TRP B 120 -12.05 -7.77 23.37
N TYR B 121 -13.07 -7.49 24.17
CA TYR B 121 -13.41 -6.12 24.53
C TYR B 121 -14.04 -6.11 25.92
N GLN B 122 -13.61 -5.18 26.78
CA GLN B 122 -14.27 -4.94 28.06
C GLN B 122 -15.03 -3.63 27.96
N THR B 123 -16.34 -3.66 28.13
CA THR B 123 -17.12 -2.44 28.06
C THR B 123 -16.82 -1.55 29.25
N ASP B 124 -17.35 -0.32 29.18
CA ASP B 124 -17.25 0.60 30.31
C ASP B 124 -17.75 -0.02 31.61
N ALA B 125 -18.79 -0.86 31.53
CA ALA B 125 -19.44 -1.39 32.73
C ALA B 125 -18.85 -2.71 33.19
N GLY B 126 -17.84 -3.24 32.51
CA GLY B 126 -17.15 -4.41 33.00
C GLY B 126 -17.43 -5.68 32.23
N ARG B 127 -18.26 -5.64 31.18
CA ARG B 127 -18.54 -6.85 30.41
C ARG B 127 -17.38 -7.14 29.47
N VAL B 128 -16.92 -8.40 29.45
CA VAL B 128 -15.75 -8.84 28.68
C VAL B 128 -16.16 -9.95 27.72
N PHE B 129 -16.04 -9.70 26.41
CA PHE B 129 -16.59 -10.63 25.45
C PHE B 129 -15.74 -10.66 24.18
N PHE B 130 -15.96 -11.67 23.37
CA PHE B 130 -15.30 -11.81 22.12
C PHE B 130 -16.12 -11.12 21.10
N GLN B 131 -15.49 -10.67 20.04
CA GLN B 131 -16.20 -10.00 19.00
C GLN B 131 -15.59 -10.04 17.63
N PRO B 132 -16.52 -10.06 16.61
CA PRO B 132 -15.96 -10.04 15.28
C PRO B 132 -15.19 -8.78 14.95
N TYR B 133 -14.14 -8.86 14.16
CA TYR B 133 -13.35 -7.72 13.75
C TYR B 133 -13.13 -7.84 12.26
N ILE B 134 -13.86 -7.08 11.49
CA ILE B 134 -13.85 -7.23 10.05
C ILE B 134 -13.59 -6.05 9.16
N TYR B 135 -12.74 -6.27 8.17
CA TYR B 135 -12.48 -5.22 7.19
C TYR B 135 -13.06 -5.71 5.88
N HIS B 136 -13.94 -4.94 5.29
CA HIS B 136 -14.62 -5.31 4.06
C HIS B 136 -15.18 -4.03 3.46
N LYS B 137 -15.65 -4.16 2.22
CA LYS B 137 -16.04 -3.01 1.41
C LYS B 137 -17.18 -2.21 2.03
N ASP B 138 -18.09 -2.86 2.77
CA ASP B 138 -19.19 -2.17 3.44
C ASP B 138 -18.93 -1.93 4.92
N GLN B 139 -17.68 -1.73 5.32
CA GLN B 139 -17.43 -1.45 6.71
C GLN B 139 -17.78 0.01 7.01
N PRO B 140 -18.59 0.27 8.03
CA PRO B 140 -19.06 1.64 8.26
C PRO B 140 -17.96 2.63 8.59
N GLY B 141 -16.96 2.22 9.37
CA GLY B 141 -15.93 3.12 9.83
C GLY B 141 -14.57 2.79 9.23
N GLN B 142 -13.63 3.70 9.45
CA GLN B 142 -12.26 3.41 9.05
C GLN B 142 -11.65 2.27 9.82
N TYR B 143 -12.26 1.88 10.93
CA TYR B 143 -11.74 0.71 11.61
C TYR B 143 -12.65 -0.50 11.35
N GLY B 144 -12.40 -1.54 12.10
CA GLY B 144 -13.07 -2.79 11.85
C GLY B 144 -14.51 -2.79 12.32
N ASP B 145 -15.26 -3.71 11.72
CA ASP B 145 -16.68 -3.86 11.92
C ASP B 145 -16.89 -5.09 12.77
N THR B 146 -17.69 -4.96 13.81
CA THR B 146 -18.01 -6.05 14.71
C THR B 146 -19.35 -6.69 14.38
N PHE B 147 -20.03 -6.19 13.33
CA PHE B 147 -21.45 -6.43 13.06
C PHE B 147 -22.31 -6.31 14.31
N GLY B 148 -21.83 -5.56 15.31
CA GLY B 148 -22.55 -5.37 16.54
C GLY B 148 -22.81 -6.62 17.32
N LYS B 149 -22.00 -7.67 17.10
CA LYS B 149 -22.22 -8.99 17.69
C LYS B 149 -21.16 -9.30 18.74
N SER B 150 -21.51 -10.15 19.70
CA SER B 150 -20.60 -10.45 20.78
C SER B 150 -20.78 -11.88 21.22
N TYR B 151 -19.77 -12.41 21.91
CA TYR B 151 -19.90 -13.68 22.62
C TYR B 151 -19.23 -13.67 24.00
N PRO B 152 -19.95 -14.14 25.02
CA PRO B 152 -21.36 -14.54 24.91
C PRO B 152 -22.20 -13.30 24.62
N SER B 153 -23.41 -13.44 24.06
CA SER B 153 -24.20 -12.24 23.79
C SER B 153 -24.71 -11.57 25.06
N SER B 154 -24.58 -12.21 26.23
CA SER B 154 -24.76 -11.56 27.51
C SER B 154 -23.82 -12.22 28.51
N GLY B 155 -23.39 -11.46 29.52
CA GLY B 155 -22.35 -11.96 30.39
C GLY B 155 -20.96 -11.82 29.79
N SER B 156 -20.00 -12.53 30.41
CA SER B 156 -18.60 -12.35 30.04
C SER B 156 -17.92 -13.68 29.77
N ILE B 157 -16.82 -13.60 29.01
CA ILE B 157 -15.90 -14.72 28.85
C ILE B 157 -15.15 -14.82 30.16
N THR B 158 -14.35 -15.88 30.34
CA THR B 158 -13.77 -16.17 31.64
C THR B 158 -12.26 -16.39 31.53
N LYS B 159 -11.51 -15.69 32.38
CA LYS B 159 -10.07 -15.94 32.48
C LYS B 159 -9.77 -17.41 32.70
N GLY B 160 -8.78 -17.91 31.96
CA GLY B 160 -8.35 -19.29 32.07
C GLY B 160 -9.24 -20.32 31.40
N THR B 161 -10.30 -19.93 30.71
CA THR B 161 -11.15 -20.88 30.02
C THR B 161 -10.70 -21.06 28.57
N THR B 162 -10.71 -22.32 28.12
CA THR B 162 -10.32 -22.63 26.75
C THR B 162 -11.53 -22.44 25.84
N TYR B 163 -11.36 -21.59 24.82
CA TYR B 163 -12.45 -21.27 23.89
C TYR B 163 -12.07 -21.81 22.52
N HIS B 164 -12.77 -22.86 22.09
CA HIS B 164 -12.57 -23.36 20.73
C HIS B 164 -13.25 -22.44 19.72
N VAL B 165 -12.47 -21.94 18.76
CA VAL B 165 -12.94 -21.01 17.75
C VAL B 165 -12.83 -21.68 16.39
N HIS B 166 -13.90 -21.57 15.61
CA HIS B 166 -13.94 -22.03 14.23
C HIS B 166 -14.24 -20.84 13.35
N VAL B 167 -13.45 -20.64 12.29
CA VAL B 167 -13.65 -19.50 11.41
C VAL B 167 -13.73 -20.01 9.98
N TYR B 168 -14.81 -19.63 9.28
CA TYR B 168 -15.03 -20.00 7.88
C TYR B 168 -15.27 -18.75 7.06
N ILE B 169 -14.58 -18.65 5.93
CA ILE B 169 -14.63 -17.45 5.09
C ILE B 169 -14.83 -17.90 3.66
N LYS B 170 -15.64 -17.14 2.91
CA LYS B 170 -15.81 -17.38 1.49
C LYS B 170 -15.76 -16.06 0.73
N SER B 171 -15.04 -16.07 -0.38
CA SER B 171 -14.95 -14.88 -1.23
C SER B 171 -16.29 -14.54 -1.84
N ASN B 172 -16.47 -13.28 -2.19
CA ASN B 172 -17.62 -12.85 -2.99
C ASN B 172 -17.17 -12.67 -4.44
N THR B 173 -18.15 -12.49 -5.32
CA THR B 173 -17.88 -12.30 -6.74
C THR B 173 -18.40 -10.93 -7.15
N GLY B 174 -17.54 -10.14 -7.79
CA GLY B 174 -17.99 -8.85 -8.30
C GLY B 174 -18.51 -7.98 -7.18
N SER B 175 -19.58 -7.24 -7.46
CA SER B 175 -20.17 -6.42 -6.42
C SER B 175 -21.33 -7.11 -5.71
N ASN B 176 -21.48 -8.43 -5.88
CA ASN B 176 -22.51 -9.17 -5.17
C ASN B 176 -22.15 -9.34 -3.69
N ARG B 177 -23.16 -9.62 -2.88
CA ARG B 177 -22.97 -9.91 -1.46
C ARG B 177 -23.06 -11.42 -1.23
N ASP B 178 -22.21 -12.17 -1.93
CA ASP B 178 -22.28 -13.63 -1.88
C ASP B 178 -21.00 -14.24 -1.31
N GLY B 179 -20.18 -13.47 -0.64
CA GLY B 179 -19.20 -14.04 0.24
C GLY B 179 -19.79 -14.36 1.62
N ARG B 180 -18.97 -15.03 2.45
CA ARG B 180 -19.40 -15.52 3.75
C ARG B 180 -18.40 -15.17 4.84
N ALA B 181 -18.92 -14.94 6.05
CA ALA B 181 -18.08 -14.68 7.22
C ALA B 181 -18.72 -15.34 8.43
N GLN B 182 -17.98 -16.20 9.12
CA GLN B 182 -18.58 -17.05 10.14
C GLN B 182 -17.61 -17.36 11.27
N ILE B 183 -17.97 -16.97 12.49
CA ILE B 183 -17.23 -17.33 13.68
C ILE B 183 -18.13 -18.13 14.61
N ILE B 184 -17.66 -19.30 15.03
CA ILE B 184 -18.34 -20.15 16.00
C ILE B 184 -17.40 -20.37 17.18
N ILE B 185 -17.86 -20.06 18.38
CA ILE B 185 -17.03 -20.18 19.58
C ILE B 185 -17.69 -21.16 20.52
N ASN B 186 -16.98 -22.23 20.86
CA ASN B 186 -17.48 -23.29 21.75
C ASN B 186 -18.88 -23.74 21.34
N GLY B 187 -19.07 -23.91 20.03
CA GLY B 187 -20.31 -24.39 19.47
C GLY B 187 -21.36 -23.34 19.22
N THR B 188 -21.22 -22.16 19.82
CA THR B 188 -22.15 -21.06 19.59
C THR B 188 -21.70 -20.23 18.39
N THR B 189 -22.66 -19.90 17.53
CA THR B 189 -22.41 -19.08 16.35
C THR B 189 -22.39 -17.61 16.75
N VAL B 190 -21.24 -16.97 16.62
CA VAL B 190 -21.16 -15.56 16.97
C VAL B 190 -21.59 -14.70 15.77
N LEU B 191 -21.13 -15.04 14.58
CA LEU B 191 -21.43 -14.30 13.37
C LEU B 191 -21.52 -15.30 12.24
N ASP B 192 -22.56 -15.17 11.41
CA ASP B 192 -22.69 -16.06 10.24
C ASP B 192 -23.48 -15.30 9.20
N THR B 193 -22.77 -14.44 8.47
CA THR B 193 -23.41 -13.43 7.64
C THR B 193 -22.91 -13.50 6.20
N ALA B 194 -23.78 -13.12 5.29
CA ALA B 194 -23.32 -12.84 3.93
C ALA B 194 -22.52 -11.55 3.96
N ILE B 195 -21.51 -11.46 3.10
CA ILE B 195 -20.62 -10.31 3.17
C ILE B 195 -20.05 -10.04 1.78
N ARG B 196 -19.79 -8.76 1.51
CA ARG B 196 -19.09 -8.33 0.31
C ARG B 196 -17.68 -7.92 0.73
N TRP B 197 -16.70 -8.75 0.42
CA TRP B 197 -15.32 -8.39 0.76
C TRP B 197 -14.72 -7.41 -0.23
N THR B 198 -14.96 -7.63 -1.52
CA THR B 198 -14.33 -6.88 -2.60
C THR B 198 -15.37 -6.56 -3.67
N THR B 199 -15.06 -5.58 -4.51
CA THR B 199 -15.77 -5.40 -5.76
C THR B 199 -14.84 -5.56 -6.94
N ASN B 200 -13.55 -5.85 -6.70
CA ASN B 200 -12.50 -6.07 -7.68
C ASN B 200 -12.10 -7.55 -7.63
N ASP B 201 -12.52 -8.32 -8.65
CA ASP B 201 -12.27 -9.75 -8.69
C ASP B 201 -10.78 -10.11 -8.72
N ALA B 202 -9.89 -9.16 -9.00
CA ALA B 202 -8.46 -9.44 -8.94
C ALA B 202 -7.99 -9.61 -7.50
N GLN B 203 -8.63 -8.95 -6.54
CA GLN B 203 -8.32 -9.06 -5.12
C GLN B 203 -9.40 -9.88 -4.40
N ARG B 204 -10.03 -10.78 -5.12
CA ARG B 204 -11.13 -11.58 -4.62
C ARG B 204 -10.67 -12.69 -3.67
N LEU B 205 -9.41 -13.05 -3.70
CA LEU B 205 -9.05 -14.31 -3.06
C LEU B 205 -8.58 -14.15 -1.61
N ILE B 206 -8.57 -15.27 -0.91
CA ILE B 206 -8.00 -15.39 0.40
C ILE B 206 -6.52 -15.67 0.18
N LYS B 207 -5.65 -14.84 0.75
CA LYS B 207 -4.24 -14.89 0.41
C LYS B 207 -3.35 -15.33 1.56
N ASN B 208 -3.76 -15.14 2.81
CA ASN B 208 -2.96 -15.66 3.92
C ASN B 208 -3.82 -15.74 5.19
N MET B 209 -3.30 -16.49 6.16
CA MET B 209 -3.92 -16.65 7.47
C MET B 209 -3.24 -15.72 8.44
N THR B 210 -4.03 -14.94 9.17
CA THR B 210 -3.51 -13.97 10.10
C THR B 210 -3.45 -14.59 11.47
N PHE B 211 -2.42 -14.17 12.23
CA PHE B 211 -2.20 -14.61 13.59
C PHE B 211 -1.73 -13.38 14.36
N HIS B 212 -2.68 -12.51 14.70
CA HIS B 212 -2.38 -11.25 15.38
C HIS B 212 -2.95 -11.32 16.79
N THR B 213 -2.07 -11.25 17.79
CA THR B 213 -2.45 -11.08 19.20
C THR B 213 -1.76 -9.81 19.70
N PHE B 214 -2.55 -8.84 20.16
CA PHE B 214 -2.00 -7.58 20.65
C PHE B 214 -3.06 -6.82 21.47
N ARG B 215 -2.56 -5.95 22.37
CA ARG B 215 -3.43 -4.99 23.05
C ARG B 215 -3.88 -3.89 22.10
N GLY B 216 -5.02 -3.27 22.41
CA GLY B 216 -5.50 -2.12 21.64
C GLY B 216 -6.05 -2.27 20.22
N GLY B 217 -6.59 -1.19 19.66
CA GLY B 217 -6.61 0.08 20.35
C GLY B 217 -5.37 0.89 20.03
N SER B 218 -5.51 2.20 20.08
CA SER B 218 -4.38 3.08 19.87
C SER B 218 -4.20 4.06 21.01
N GLN B 219 -5.16 4.16 21.92
CA GLN B 219 -5.11 5.04 23.08
C GLN B 219 -4.50 4.28 24.26
N THR B 220 -3.94 5.03 25.20
CA THR B 220 -3.13 4.41 26.22
C THR B 220 -3.92 3.58 27.22
N TYR B 221 -5.24 3.74 27.28
CA TYR B 221 -5.94 2.93 28.27
C TYR B 221 -6.22 1.50 27.81
N TRP B 222 -5.79 1.11 26.62
CA TRP B 222 -5.84 -0.31 26.32
C TRP B 222 -4.67 -1.05 26.93
N GLN B 223 -3.66 -0.32 27.40
CA GLN B 223 -2.43 -0.92 27.93
C GLN B 223 -2.70 -1.58 29.27
N SER B 224 -1.63 -2.17 29.82
CA SER B 224 -1.66 -2.91 31.07
C SER B 224 -0.27 -2.81 31.70
N PRO B 225 -0.17 -2.71 33.02
CA PRO B 225 1.14 -2.60 33.66
C PRO B 225 1.87 -3.93 33.79
N VAL B 226 1.26 -5.03 33.40
CA VAL B 226 1.88 -6.34 33.54
C VAL B 226 1.98 -6.99 32.17
N ASP B 227 3.14 -7.60 31.89
CA ASP B 227 3.21 -8.60 30.84
C ASP B 227 2.11 -9.61 31.04
N SER B 228 1.46 -10.01 29.95
CA SER B 228 0.25 -10.84 30.01
C SER B 228 0.32 -11.94 28.95
N TYR B 229 -0.34 -13.06 29.23
CA TYR B 229 -0.09 -14.30 28.47
C TYR B 229 -1.38 -14.87 27.92
N ILE B 230 -1.44 -15.04 26.60
CA ILE B 230 -2.53 -15.76 25.93
C ILE B 230 -1.96 -17.05 25.34
N TYR B 231 -2.75 -18.13 25.42
CA TYR B 231 -2.31 -19.51 25.22
C TYR B 231 -3.12 -20.15 24.09
N TYR B 232 -2.41 -20.63 23.06
CA TYR B 232 -3.04 -21.18 21.86
C TYR B 232 -2.76 -22.68 21.72
N ASP B 233 -3.68 -23.37 21.05
CA ASP B 233 -3.47 -24.80 20.83
C ASP B 233 -4.34 -25.32 19.68
N ASN B 234 -3.81 -26.33 19.00
CA ASN B 234 -4.58 -27.14 18.07
C ASN B 234 -5.16 -26.31 16.93
N LEU B 235 -4.31 -25.48 16.32
CA LEU B 235 -4.67 -24.84 15.07
C LEU B 235 -4.80 -25.91 14.00
N VAL B 236 -5.87 -25.83 13.21
CA VAL B 236 -6.10 -26.70 12.05
C VAL B 236 -6.66 -25.85 10.93
N LEU B 237 -5.97 -25.84 9.78
CA LEU B 237 -6.33 -25.02 8.63
C LEU B 237 -6.69 -25.93 7.46
N ARG B 238 -7.60 -25.46 6.60
CA ARG B 238 -7.87 -26.23 5.39
C ARG B 238 -8.62 -25.42 4.35
N LYS B 239 -8.02 -25.28 3.18
CA LYS B 239 -8.68 -24.81 1.98
C LYS B 239 -9.91 -25.66 1.69
N ILE B 240 -10.90 -25.07 0.98
CA ILE B 240 -12.14 -25.77 0.67
C ILE B 240 -12.51 -25.63 -0.80
N ARG B 241 -12.51 -24.39 -1.31
CA ARG B 241 -12.77 -24.14 -2.74
C ARG B 241 -11.95 -22.93 -3.18
N ALA C 1 -5.43 35.36 -14.45
CA ALA C 1 -6.37 35.25 -13.39
C ALA C 1 -6.46 33.81 -13.06
N ILE C 2 -6.62 33.56 -11.78
CA ILE C 2 -6.80 32.28 -11.23
C ILE C 2 -8.11 32.67 -10.66
N PRO C 3 -9.22 32.37 -11.44
CA PRO C 3 -10.49 32.83 -10.91
C PRO C 3 -11.22 32.03 -9.88
N SER C 4 -12.22 32.66 -9.31
CA SER C 4 -13.10 32.07 -8.33
C SER C 4 -14.46 31.82 -8.90
N SER C 5 -14.87 32.58 -9.89
CA SER C 5 -16.16 32.34 -10.52
C SER C 5 -16.11 32.81 -11.97
N LEU C 6 -17.02 32.26 -12.77
CA LEU C 6 -17.10 32.58 -14.19
C LEU C 6 -18.55 32.61 -14.66
N SER C 7 -18.76 33.32 -15.76
CA SER C 7 -20.02 33.27 -16.50
C SER C 7 -19.66 33.54 -17.95
N ILE C 8 -19.51 32.47 -18.71
CA ILE C 8 -19.12 32.45 -20.12
C ILE C 8 -20.17 31.85 -21.01
N ASN C 9 -20.67 32.60 -21.96
CA ASN C 9 -21.69 32.16 -22.90
C ASN C 9 -21.36 32.37 -24.39
N TRP C 10 -20.14 32.83 -24.61
CA TRP C 10 -19.56 33.08 -25.89
C TRP C 10 -20.41 33.92 -26.80
N ASN C 11 -21.57 34.34 -26.35
CA ASN C 11 -22.46 35.11 -27.21
C ASN C 11 -21.93 36.41 -27.72
N ASN C 12 -20.74 36.77 -27.30
CA ASN C 12 -20.08 38.01 -27.72
C ASN C 12 -19.14 37.80 -28.89
N TYR C 13 -18.97 36.57 -29.36
CA TYR C 13 -18.03 36.26 -30.43
C TYR C 13 -18.74 36.07 -31.76
N ALA C 14 -18.10 36.51 -32.83
CA ALA C 14 -18.52 36.16 -34.17
C ALA C 14 -18.39 34.65 -34.36
N THR C 15 -19.07 34.13 -35.36
CA THR C 15 -18.87 32.74 -35.76
C THR C 15 -17.55 32.66 -36.55
N GLY C 16 -16.52 32.09 -35.93
CA GLY C 16 -15.20 32.02 -36.54
C GLY C 16 -14.19 31.39 -35.58
N ALA C 17 -12.92 31.71 -35.78
CA ALA C 17 -11.87 31.06 -35.01
C ALA C 17 -12.00 31.35 -33.51
N TYR C 18 -11.53 30.40 -32.70
CA TYR C 18 -11.42 30.55 -31.25
C TYR C 18 -10.01 30.12 -30.84
N SER C 19 -9.20 31.10 -30.45
CA SER C 19 -7.78 30.91 -30.19
C SER C 19 -7.48 30.64 -28.71
N SER C 20 -6.27 30.11 -28.46
CA SER C 20 -5.81 29.92 -27.10
C SER C 20 -5.88 31.23 -26.31
N GLY C 21 -5.52 32.34 -26.97
CA GLY C 21 -5.69 33.65 -26.35
C GLY C 21 -7.13 33.91 -25.96
N ASN C 22 -8.07 33.65 -26.88
CA ASN C 22 -9.47 33.86 -26.56
C ASN C 22 -9.90 33.06 -25.35
N ALA C 23 -9.38 31.84 -25.23
CA ALA C 23 -9.81 30.97 -24.15
C ALA C 23 -9.24 31.45 -22.82
N ALA C 24 -7.99 31.88 -22.81
CA ALA C 24 -7.44 32.53 -21.63
C ALA C 24 -8.17 33.82 -21.31
N SER C 25 -8.65 34.53 -22.35
CA SER C 25 -9.44 35.73 -22.11
C SER C 25 -10.69 35.41 -21.30
N ASP C 26 -11.41 34.35 -21.67
CA ASP C 26 -12.69 34.02 -21.04
C ASP C 26 -12.53 33.22 -19.74
N PHE C 27 -11.49 32.42 -19.62
CA PHE C 27 -11.27 31.56 -18.47
C PHE C 27 -10.20 32.07 -17.52
N GLY C 28 -9.48 33.13 -17.90
CA GLY C 28 -8.34 33.65 -17.13
C GLY C 28 -7.04 32.94 -17.43
N ASN C 29 -7.08 31.61 -17.54
CA ASN C 29 -5.95 30.77 -17.88
C ASN C 29 -6.47 29.50 -18.57
N ALA C 30 -5.70 29.00 -19.53
CA ALA C 30 -6.06 27.78 -20.26
C ALA C 30 -4.80 26.95 -20.41
N GLY C 31 -4.75 25.82 -19.72
CA GLY C 31 -3.58 24.99 -19.80
C GLY C 31 -3.42 24.27 -21.12
N GLY C 32 -4.38 23.43 -21.50
CA GLY C 32 -4.07 22.52 -22.58
C GLY C 32 -4.74 22.82 -23.90
N TRP C 33 -5.04 24.09 -24.17
CA TRP C 33 -5.91 24.43 -25.29
C TRP C 33 -5.28 24.06 -26.63
N ASN C 34 -6.15 23.74 -27.60
CA ASN C 34 -5.76 23.32 -28.94
C ASN C 34 -6.65 24.04 -29.94
N GLN C 35 -6.26 25.28 -30.31
CA GLN C 35 -7.07 26.14 -31.16
C GLN C 35 -7.75 25.42 -32.31
N SER C 36 -6.96 24.71 -33.14
CA SER C 36 -7.50 24.03 -34.31
C SER C 36 -8.73 23.21 -33.99
N ARG C 37 -8.97 22.91 -32.72
CA ARG C 37 -10.09 22.09 -32.30
C ARG C 37 -11.18 22.87 -31.60
N SER C 38 -11.16 24.20 -31.68
CA SER C 38 -12.20 24.99 -31.05
C SER C 38 -12.76 25.99 -32.06
N TYR C 39 -14.07 26.22 -31.96
CA TYR C 39 -14.84 27.03 -32.91
C TYR C 39 -16.11 27.54 -32.21
N ILE C 40 -16.51 28.77 -32.54
CA ILE C 40 -17.77 29.35 -32.08
C ILE C 40 -18.80 29.18 -33.19
N SER C 41 -19.82 28.33 -32.98
CA SER C 41 -20.87 28.14 -33.96
C SER C 41 -22.19 28.60 -33.35
N ASP C 42 -22.78 29.63 -33.93
CA ASP C 42 -24.03 30.19 -33.41
C ASP C 42 -23.88 30.52 -31.93
N GLY C 43 -22.86 31.31 -31.63
CA GLY C 43 -22.59 31.66 -30.24
C GLY C 43 -22.61 30.47 -29.30
N THR C 44 -22.02 29.34 -29.73
CA THR C 44 -21.67 28.22 -28.85
C THR C 44 -20.25 27.78 -29.17
N LEU C 45 -19.54 27.28 -28.14
CA LEU C 45 -18.15 26.85 -28.29
C LEU C 45 -18.14 25.42 -28.77
N ARG C 46 -17.73 25.22 -30.01
CA ARG C 46 -17.68 23.90 -30.60
C ARG C 46 -16.25 23.38 -30.46
N VAL C 47 -16.11 22.20 -29.86
CA VAL C 47 -14.85 21.48 -29.84
C VAL C 47 -14.87 20.43 -30.96
N THR C 48 -13.71 20.21 -31.60
CA THR C 48 -13.60 19.17 -32.61
C THR C 48 -12.89 17.92 -32.06
N LEU C 49 -13.49 16.76 -32.29
CA LEU C 49 -12.90 15.46 -31.99
C LEU C 49 -12.33 14.90 -33.31
N LEU C 50 -11.01 14.91 -33.45
CA LEU C 50 -10.37 14.51 -34.71
C LEU C 50 -10.73 13.07 -35.07
N LYS C 51 -10.87 12.83 -36.37
CA LYS C 51 -11.01 11.45 -36.83
C LYS C 51 -9.79 10.63 -36.45
N ASN C 52 -9.99 9.31 -36.36
CA ASN C 52 -8.92 8.33 -36.25
C ASN C 52 -8.01 8.57 -35.05
N ALA C 53 -8.48 9.23 -34.01
CA ALA C 53 -7.59 9.57 -32.91
C ALA C 53 -8.33 9.48 -31.59
N LEU C 54 -7.58 9.18 -30.54
CA LEU C 54 -8.09 9.11 -29.19
C LEU C 54 -7.49 10.22 -28.32
N SER C 55 -7.89 10.24 -27.08
CA SER C 55 -7.32 11.13 -26.06
C SER C 55 -6.93 12.53 -26.43
N GLY C 56 -5.79 13.00 -25.98
CA GLY C 56 -5.36 14.32 -26.28
C GLY C 56 -5.10 14.61 -27.70
N ALA C 57 -4.67 13.61 -28.41
CA ALA C 57 -4.33 13.74 -29.79
C ALA C 57 -5.48 13.86 -30.73
N GLY C 58 -6.69 13.80 -30.22
CA GLY C 58 -7.85 13.91 -31.03
C GLY C 58 -8.75 15.02 -30.63
N GLY C 59 -8.84 15.26 -29.35
CA GLY C 59 -9.67 16.31 -28.78
C GLY C 59 -9.03 17.45 -28.03
N LEU C 60 -9.63 17.86 -26.92
CA LEU C 60 -9.17 19.00 -26.11
C LEU C 60 -9.14 18.74 -24.66
N ILE C 61 -8.00 18.71 -24.05
CA ILE C 61 -7.87 18.48 -22.60
C ILE C 61 -7.20 19.71 -22.03
N SER C 62 -7.98 20.58 -21.38
CA SER C 62 -7.40 21.72 -20.69
C SER C 62 -7.87 21.76 -19.25
N ASN C 63 -7.03 22.38 -18.41
CA ASN C 63 -7.29 22.53 -16.98
C ASN C 63 -7.29 24.02 -16.68
N ILE C 64 -8.45 24.54 -16.29
CA ILE C 64 -8.55 25.93 -15.88
C ILE C 64 -8.24 25.99 -14.38
N ASP C 65 -7.04 26.46 -14.06
CA ASP C 65 -6.64 26.66 -12.68
C ASP C 65 -7.62 27.64 -12.01
N VAL C 66 -8.18 27.25 -10.87
CA VAL C 66 -9.11 28.07 -10.12
C VAL C 66 -8.55 28.31 -8.72
N SER C 67 -9.09 29.34 -8.06
CA SER C 67 -8.75 29.63 -6.67
C SER C 67 -9.00 28.40 -5.80
N ASP C 68 -7.98 27.99 -5.03
CA ASP C 68 -8.09 26.80 -4.18
C ASP C 68 -9.33 26.89 -3.31
N GLY C 69 -10.09 25.77 -3.26
CA GLY C 69 -11.38 25.79 -2.62
C GLY C 69 -11.65 24.50 -1.85
N THR C 70 -12.73 24.56 -1.06
CA THR C 70 -13.27 23.40 -0.35
C THR C 70 -14.58 22.93 -0.94
N GLU C 71 -15.33 23.83 -1.56
CA GLU C 71 -16.53 23.50 -2.32
C GLU C 71 -16.52 24.30 -3.62
N TYR C 72 -17.07 23.69 -4.67
CA TYR C 72 -17.23 24.33 -5.97
C TYR C 72 -18.46 23.75 -6.65
N GLU C 73 -19.07 24.54 -7.52
CA GLU C 73 -20.18 24.06 -8.34
C GLU C 73 -20.10 24.69 -9.72
N LEU C 74 -20.61 24.00 -10.71
CA LEU C 74 -20.73 24.61 -12.02
C LEU C 74 -21.96 24.08 -12.75
N ASP C 75 -22.46 24.89 -13.68
CA ASP C 75 -23.54 24.54 -14.56
C ASP C 75 -23.11 24.77 -16.01
N TYR C 76 -23.49 23.86 -16.90
CA TYR C 76 -23.24 24.07 -18.32
C TYR C 76 -24.26 23.30 -19.13
N ASP C 77 -24.36 23.68 -20.40
CA ASP C 77 -25.22 23.03 -21.39
C ASP C 77 -24.35 22.33 -22.43
N VAL C 78 -24.78 21.13 -22.85
CA VAL C 78 -23.98 20.33 -23.77
C VAL C 78 -24.89 19.77 -24.86
N ARG C 79 -24.46 19.92 -26.11
CA ARG C 79 -25.18 19.33 -27.24
C ARG C 79 -24.20 18.54 -28.11
N PHE C 80 -24.54 17.30 -28.40
CA PHE C 80 -23.83 16.57 -29.46
C PHE C 80 -24.37 16.98 -30.82
N HIS C 81 -23.50 16.89 -31.84
CA HIS C 81 -23.94 17.12 -33.22
C HIS C 81 -25.13 16.23 -33.55
N SER C 82 -26.02 16.75 -34.39
CA SER C 82 -27.16 15.98 -34.90
C SER C 82 -26.70 14.82 -35.76
N GLN C 83 -25.46 14.88 -36.24
CA GLN C 83 -24.85 13.81 -37.03
C GLN C 83 -23.82 13.00 -36.26
N PHE C 84 -23.57 13.37 -34.98
CA PHE C 84 -22.47 12.83 -34.18
C PHE C 84 -22.43 11.32 -34.20
N ASP C 85 -21.23 10.78 -34.32
CA ASP C 85 -21.02 9.34 -34.29
C ASP C 85 -20.70 8.93 -32.85
N TRP C 86 -21.63 8.21 -32.23
CA TRP C 86 -21.47 7.88 -30.82
C TRP C 86 -20.16 7.13 -30.56
N SER C 87 -19.87 6.12 -31.39
CA SER C 87 -18.79 5.16 -31.18
C SER C 87 -18.87 4.62 -29.74
N ARG C 88 -17.73 4.28 -29.14
CA ARG C 88 -17.75 3.59 -27.86
C ARG C 88 -18.01 4.54 -26.69
N GLY C 89 -17.57 5.80 -26.80
CA GLY C 89 -17.69 6.73 -25.68
C GLY C 89 -16.51 7.66 -25.55
N GLY C 90 -16.55 8.52 -24.55
CA GLY C 90 -15.43 9.41 -24.31
C GLY C 90 -15.68 10.29 -23.11
N ALA C 91 -14.91 11.38 -23.04
CA ALA C 91 -14.98 12.35 -21.97
C ALA C 91 -15.64 13.64 -22.46
N VAL C 92 -16.38 14.29 -21.57
CA VAL C 92 -17.23 15.42 -21.94
C VAL C 92 -17.38 16.33 -20.72
N GLY C 93 -17.59 17.63 -20.97
CA GLY C 93 -18.03 18.55 -19.96
C GLY C 93 -16.99 18.99 -18.95
N PHE C 94 -17.45 19.75 -17.97
CA PHE C 94 -16.59 20.45 -17.03
C PHE C 94 -16.57 19.75 -15.68
N GLY C 95 -15.41 19.76 -15.04
CA GLY C 95 -15.20 18.99 -13.84
C GLY C 95 -14.06 19.58 -13.04
N PHE C 96 -13.65 18.86 -12.00
CA PHE C 96 -12.76 19.42 -11.00
C PHE C 96 -11.60 18.47 -10.69
N SER C 97 -10.42 19.05 -10.51
CA SER C 97 -9.26 18.32 -10.04
C SER C 97 -9.00 18.65 -8.57
N ILE C 98 -8.81 17.60 -7.77
CA ILE C 98 -8.46 17.70 -6.35
C ILE C 98 -7.01 17.27 -6.23
N GLY C 99 -6.26 17.94 -5.36
CA GLY C 99 -4.90 17.49 -5.08
C GLY C 99 -4.11 17.32 -6.35
N GLU C 100 -3.50 16.15 -6.51
CA GLU C 100 -2.74 15.94 -7.72
C GLU C 100 -3.61 15.70 -8.95
N GLY C 101 -4.92 15.51 -8.78
CA GLY C 101 -5.84 15.44 -9.90
C GLY C 101 -5.66 14.22 -10.79
N ASN C 102 -5.72 13.04 -10.19
CA ASN C 102 -5.43 11.80 -10.89
C ASN C 102 -6.39 11.59 -12.05
N THR C 103 -5.83 11.28 -13.21
CA THR C 103 -6.58 10.82 -14.37
C THR C 103 -5.76 9.68 -14.97
N GLY C 104 -6.01 9.35 -16.25
CA GLY C 104 -5.24 8.27 -16.85
C GLY C 104 -5.54 6.98 -16.12
N GLY C 105 -4.58 6.09 -16.08
CA GLY C 105 -4.80 4.89 -15.27
C GLY C 105 -4.20 4.96 -13.88
N ASP C 106 -4.22 6.15 -13.25
CA ASP C 106 -3.55 6.42 -11.99
C ASP C 106 -4.60 6.57 -10.89
N PRO C 107 -4.94 5.50 -10.16
CA PRO C 107 -5.89 5.66 -9.06
C PRO C 107 -5.33 6.49 -7.93
N GLY C 108 -6.19 7.28 -7.31
CA GLY C 108 -5.80 8.05 -6.16
C GLY C 108 -5.63 7.22 -4.89
N TRP C 109 -5.21 5.96 -5.07
CA TRP C 109 -5.01 5.07 -3.93
C TRP C 109 -3.96 5.61 -2.98
N ASP C 110 -2.99 6.37 -3.46
CA ASP C 110 -2.01 6.95 -2.55
C ASP C 110 -2.59 8.06 -1.69
N GLY C 111 -3.88 8.38 -1.83
CA GLY C 111 -4.52 9.39 -1.01
C GLY C 111 -4.27 10.82 -1.42
N ASN C 112 -3.64 11.06 -2.58
CA ASN C 112 -3.11 12.37 -2.93
C ASN C 112 -3.83 13.02 -4.12
N GLY C 113 -5.01 12.57 -4.48
CA GLY C 113 -5.71 13.29 -5.53
C GLY C 113 -6.92 12.56 -6.05
N GLY C 114 -7.55 13.20 -7.03
CA GLY C 114 -8.77 12.69 -7.61
C GLY C 114 -9.35 13.70 -8.58
N THR C 115 -10.38 13.28 -9.29
CA THR C 115 -11.06 14.15 -10.24
C THR C 115 -12.50 13.72 -10.35
N LEU C 116 -13.32 14.65 -10.85
CA LEU C 116 -14.76 14.47 -11.04
C LEU C 116 -15.01 14.96 -12.45
N ARG C 117 -15.14 14.03 -13.38
CA ARG C 117 -15.45 14.36 -14.76
C ARG C 117 -16.63 13.48 -15.18
N MET C 118 -17.20 13.81 -16.34
CA MET C 118 -18.32 13.05 -16.89
C MET C 118 -17.92 12.41 -18.22
N ALA C 119 -18.50 11.25 -18.46
CA ALA C 119 -18.26 10.52 -19.70
C ALA C 119 -19.58 10.20 -20.38
N TRP C 120 -19.49 9.86 -21.65
CA TRP C 120 -20.57 9.20 -22.36
C TRP C 120 -20.07 7.84 -22.78
N TYR C 121 -21.00 6.92 -23.00
CA TYR C 121 -20.62 5.53 -23.23
C TYR C 121 -21.75 4.84 -23.98
N GLN C 122 -21.40 4.08 -25.01
CA GLN C 122 -22.35 3.25 -25.73
C GLN C 122 -22.07 1.79 -25.41
N THR C 123 -23.09 1.07 -24.95
CA THR C 123 -22.94 -0.32 -24.56
C THR C 123 -23.02 -1.25 -25.76
N ASP C 124 -22.58 -2.50 -25.57
CA ASP C 124 -22.65 -3.50 -26.63
C ASP C 124 -23.97 -3.46 -27.38
N ALA C 125 -25.09 -3.35 -26.66
CA ALA C 125 -26.41 -3.46 -27.27
C ALA C 125 -26.88 -2.18 -27.95
N GLY C 126 -26.32 -1.03 -27.60
CA GLY C 126 -26.65 0.22 -28.24
C GLY C 126 -27.34 1.25 -27.35
N ARG C 127 -27.27 1.12 -26.03
CA ARG C 127 -27.75 2.17 -25.16
C ARG C 127 -26.63 3.18 -24.95
N VAL C 128 -26.94 4.46 -25.03
CA VAL C 128 -25.98 5.50 -24.95
C VAL C 128 -26.31 6.45 -23.87
N PHE C 129 -25.38 6.66 -22.97
CA PHE C 129 -25.65 7.49 -21.84
C PHE C 129 -24.57 8.37 -21.30
N PHE C 130 -24.93 9.11 -20.26
CA PHE C 130 -24.04 9.92 -19.52
C PHE C 130 -23.66 9.14 -18.29
N GLN C 131 -22.41 9.22 -17.93
CA GLN C 131 -21.92 8.50 -16.82
C GLN C 131 -20.96 9.29 -15.99
N PRO C 132 -21.01 9.04 -14.62
CA PRO C 132 -20.00 9.74 -13.84
C PRO C 132 -18.65 9.09 -14.14
N TYR C 133 -17.56 9.79 -13.94
CA TYR C 133 -16.27 9.23 -14.19
C TYR C 133 -15.29 9.79 -13.18
N ILE C 134 -15.26 9.19 -12.01
CA ILE C 134 -14.47 9.70 -10.91
C ILE C 134 -13.21 9.00 -10.44
N TYR C 135 -12.20 9.79 -10.11
CA TYR C 135 -10.97 9.26 -9.58
C TYR C 135 -10.91 9.73 -8.14
N HIS C 136 -10.99 8.82 -7.19
CA HIS C 136 -10.93 9.15 -5.76
C HIS C 136 -10.05 8.24 -4.94
N LYS C 137 -9.97 8.40 -3.64
CA LYS C 137 -9.11 7.54 -2.83
C LYS C 137 -9.56 6.09 -2.83
N ASP C 138 -10.87 5.87 -2.98
CA ASP C 138 -11.46 4.55 -2.78
C ASP C 138 -12.15 4.06 -4.04
N GLN C 139 -11.52 4.29 -5.21
CA GLN C 139 -12.04 3.82 -6.48
C GLN C 139 -11.73 2.34 -6.67
N PRO C 140 -12.68 1.57 -7.19
CA PRO C 140 -12.47 0.09 -7.26
C PRO C 140 -11.41 -0.33 -8.26
N GLY C 141 -11.35 0.33 -9.42
CA GLY C 141 -10.41 -0.01 -10.46
C GLY C 141 -9.34 1.05 -10.60
N GLN C 142 -8.52 0.88 -11.63
CA GLN C 142 -7.45 1.83 -11.87
C GLN C 142 -7.87 2.92 -12.83
N TYR C 143 -8.93 2.71 -13.58
CA TYR C 143 -9.55 3.75 -14.39
C TYR C 143 -10.72 4.37 -13.60
N GLY C 144 -11.61 5.08 -14.27
CA GLY C 144 -12.59 5.89 -13.55
C GLY C 144 -13.69 5.05 -12.91
N ASP C 145 -14.09 5.48 -11.71
CA ASP C 145 -15.25 4.92 -11.03
C ASP C 145 -16.52 5.61 -11.54
N THR C 146 -17.47 4.83 -12.01
CA THR C 146 -18.72 5.38 -12.50
C THR C 146 -19.85 5.28 -11.49
N PHE C 147 -19.59 4.71 -10.32
CA PHE C 147 -20.59 4.53 -9.26
C PHE C 147 -21.83 3.78 -9.75
N GLY C 148 -21.72 3.12 -10.91
CA GLY C 148 -22.81 2.38 -11.52
C GLY C 148 -23.97 3.24 -11.98
N LYS C 149 -23.79 4.55 -12.07
CA LYS C 149 -24.88 5.42 -12.46
C LYS C 149 -24.86 5.69 -13.95
N SER C 150 -25.99 6.16 -14.47
CA SER C 150 -26.06 6.59 -15.86
C SER C 150 -27.32 7.42 -16.06
N TYR C 151 -27.22 8.40 -16.95
CA TYR C 151 -28.37 9.22 -17.36
C TYR C 151 -28.56 9.13 -18.86
N PRO C 152 -29.78 8.79 -19.30
CA PRO C 152 -30.93 8.47 -18.43
C PRO C 152 -30.73 7.10 -17.84
N SER C 153 -31.52 6.69 -16.84
CA SER C 153 -31.31 5.40 -16.22
C SER C 153 -31.59 4.27 -17.21
N SER C 154 -32.71 4.33 -17.92
CA SER C 154 -33.01 3.42 -19.01
C SER C 154 -33.40 4.21 -20.24
N GLY C 155 -33.11 3.66 -21.42
CA GLY C 155 -33.13 4.46 -22.64
C GLY C 155 -31.80 5.16 -22.87
N SER C 156 -31.74 5.89 -23.99
CA SER C 156 -30.50 6.51 -24.42
C SER C 156 -30.63 8.02 -24.44
N ILE C 157 -29.48 8.69 -24.45
CA ILE C 157 -29.48 10.12 -24.77
C ILE C 157 -29.58 10.21 -26.28
N THR C 158 -29.88 11.40 -26.79
CA THR C 158 -30.12 11.57 -28.20
C THR C 158 -29.23 12.67 -28.75
N LYS C 159 -28.86 12.52 -30.02
CA LYS C 159 -28.08 13.55 -30.68
C LYS C 159 -28.89 14.84 -30.82
N GLY C 160 -28.19 15.96 -30.99
CA GLY C 160 -28.85 17.24 -31.27
C GLY C 160 -29.78 17.71 -30.17
N THR C 161 -29.44 17.42 -28.91
CA THR C 161 -30.29 17.70 -27.75
C THR C 161 -29.43 18.36 -26.69
N THR C 162 -29.82 19.57 -26.26
CA THR C 162 -29.11 20.20 -25.16
C THR C 162 -29.43 19.48 -23.85
N TYR C 163 -28.40 19.21 -23.06
CA TYR C 163 -28.59 18.69 -21.72
C TYR C 163 -27.97 19.72 -20.79
N HIS C 164 -28.69 20.10 -19.76
CA HIS C 164 -28.05 20.94 -18.75
C HIS C 164 -27.45 20.06 -17.66
N VAL C 165 -26.24 20.40 -17.26
CA VAL C 165 -25.45 19.60 -16.33
C VAL C 165 -25.12 20.46 -15.12
N HIS C 166 -25.13 19.84 -13.94
CA HIS C 166 -24.77 20.51 -12.70
C HIS C 166 -23.77 19.64 -11.95
N VAL C 167 -22.64 20.23 -11.55
CA VAL C 167 -21.57 19.53 -10.87
C VAL C 167 -21.29 20.23 -9.55
N TYR C 168 -21.25 19.47 -8.46
CA TYR C 168 -20.92 19.97 -7.13
C TYR C 168 -19.94 19.02 -6.47
N ILE C 169 -18.92 19.59 -5.81
CA ILE C 169 -17.86 18.82 -5.18
C ILE C 169 -17.45 19.50 -3.88
N LYS C 170 -17.07 18.66 -2.89
CA LYS C 170 -16.58 19.13 -1.59
C LYS C 170 -15.44 18.25 -1.11
N SER C 171 -14.36 18.88 -0.62
CA SER C 171 -13.23 18.12 -0.08
C SER C 171 -13.65 17.28 1.10
N ASN C 172 -12.92 16.20 1.34
CA ASN C 172 -13.08 15.49 2.61
C ASN C 172 -12.07 16.05 3.60
N THR C 173 -12.06 15.51 4.82
CA THR C 173 -11.11 15.91 5.86
C THR C 173 -10.30 14.70 6.28
N GLY C 174 -8.97 14.84 6.29
CA GLY C 174 -8.11 13.77 6.73
C GLY C 174 -8.37 12.46 6.02
N SER C 175 -8.69 11.42 6.81
CA SER C 175 -9.05 10.10 6.32
C SER C 175 -10.54 9.87 6.28
N ASN C 176 -11.36 10.91 6.46
CA ASN C 176 -12.79 10.76 6.62
C ASN C 176 -13.51 10.79 5.26
N ARG C 177 -14.53 9.95 5.12
CA ARG C 177 -15.36 9.97 3.93
C ARG C 177 -16.44 11.04 4.06
N ASP C 178 -16.01 12.29 4.26
CA ASP C 178 -16.94 13.40 4.34
C ASP C 178 -16.87 14.32 3.12
N GLY C 179 -16.13 13.94 2.08
CA GLY C 179 -16.18 14.66 0.82
C GLY C 179 -17.53 14.49 0.15
N ARG C 180 -17.66 15.10 -1.03
CA ARG C 180 -18.94 15.10 -1.72
C ARG C 180 -18.76 15.12 -3.24
N ALA C 181 -19.59 14.32 -3.93
CA ALA C 181 -19.59 14.22 -5.39
C ALA C 181 -21.03 14.20 -5.91
N GLN C 182 -21.34 15.07 -6.87
CA GLN C 182 -22.72 15.27 -7.30
C GLN C 182 -22.83 15.76 -8.74
N ILE C 183 -23.64 15.06 -9.53
CA ILE C 183 -24.00 15.47 -10.88
C ILE C 183 -25.52 15.44 -11.03
N ILE C 184 -26.10 16.57 -11.48
CA ILE C 184 -27.52 16.65 -11.84
C ILE C 184 -27.61 17.03 -13.31
N ILE C 185 -28.30 16.22 -14.11
CA ILE C 185 -28.56 16.55 -15.50
C ILE C 185 -30.06 16.74 -15.68
N ASN C 186 -30.43 17.78 -16.45
CA ASN C 186 -31.83 18.07 -16.75
C ASN C 186 -32.68 17.96 -15.50
N GLY C 187 -32.14 18.49 -14.40
CA GLY C 187 -32.81 18.48 -13.11
C GLY C 187 -32.96 17.11 -12.48
N THR C 188 -32.26 16.11 -12.99
CA THR C 188 -32.31 14.76 -12.44
C THR C 188 -30.96 14.45 -11.78
N THR C 189 -31.02 14.04 -10.51
CA THR C 189 -29.80 13.72 -9.79
C THR C 189 -29.27 12.40 -10.32
N VAL C 190 -28.10 12.45 -10.96
CA VAL C 190 -27.48 11.23 -11.47
C VAL C 190 -26.64 10.59 -10.39
N LEU C 191 -25.87 11.40 -9.67
CA LEU C 191 -25.13 10.91 -8.51
C LEU C 191 -25.08 12.01 -7.47
N ASP C 192 -25.11 11.59 -6.20
CA ASP C 192 -24.97 12.49 -5.06
C ASP C 192 -24.53 11.61 -3.88
N THR C 193 -23.23 11.42 -3.76
CA THR C 193 -22.66 10.45 -2.83
C THR C 193 -21.59 11.08 -1.96
N ALA C 194 -21.48 10.58 -0.73
CA ALA C 194 -20.27 10.84 0.02
C ALA C 194 -19.12 10.17 -0.73
N ILE C 195 -17.96 10.80 -0.69
CA ILE C 195 -16.77 10.31 -1.38
C ILE C 195 -15.60 10.64 -0.49
N ARG C 196 -14.50 9.92 -0.68
CA ARG C 196 -13.23 10.26 -0.04
C ARG C 196 -12.23 10.54 -1.17
N TRP C 197 -12.07 11.82 -1.49
CA TRP C 197 -11.13 12.20 -2.53
C TRP C 197 -9.71 11.88 -2.10
N THR C 198 -9.35 12.23 -0.86
CA THR C 198 -7.96 12.26 -0.44
C THR C 198 -7.81 11.73 0.98
N THR C 199 -6.55 11.48 1.37
CA THR C 199 -6.19 11.26 2.76
C THR C 199 -5.11 12.20 3.27
N ASN C 200 -4.33 12.78 2.38
CA ASN C 200 -3.28 13.71 2.75
C ASN C 200 -3.90 15.06 2.67
N ASP C 201 -4.11 15.73 3.78
CA ASP C 201 -4.78 17.02 3.82
C ASP C 201 -4.15 18.16 3.08
N ALA C 202 -2.89 18.06 2.81
CA ALA C 202 -2.19 19.07 2.08
C ALA C 202 -2.47 18.98 0.61
N GLN C 203 -3.20 17.97 0.24
CA GLN C 203 -3.54 17.65 -1.12
C GLN C 203 -5.03 17.52 -1.29
N ARG C 204 -5.72 18.09 -0.36
CA ARG C 204 -7.12 18.03 -0.16
C ARG C 204 -8.04 18.93 -0.89
N LEU C 205 -7.54 20.03 -1.37
CA LEU C 205 -8.35 21.00 -2.03
C LEU C 205 -8.53 20.86 -3.49
N ILE C 206 -9.51 21.58 -3.96
CA ILE C 206 -9.89 21.64 -5.32
C ILE C 206 -9.07 22.71 -5.96
N LYS C 207 -8.25 22.34 -6.91
CA LYS C 207 -7.36 23.30 -7.53
C LYS C 207 -7.55 23.66 -8.98
N ASN C 208 -8.57 23.15 -9.60
CA ASN C 208 -8.84 23.49 -10.96
C ASN C 208 -10.04 22.93 -11.58
N MET C 209 -10.46 23.57 -12.64
CA MET C 209 -11.57 23.05 -13.43
C MET C 209 -11.01 22.29 -14.64
N THR C 210 -11.67 21.20 -15.01
CA THR C 210 -11.23 20.36 -16.13
C THR C 210 -12.22 20.46 -17.30
N PHE C 211 -11.71 20.86 -18.46
CA PHE C 211 -12.49 20.93 -19.68
C PHE C 211 -11.90 19.89 -20.63
N HIS C 212 -12.33 18.64 -20.46
CA HIS C 212 -11.78 17.49 -21.17
C HIS C 212 -12.82 16.93 -22.11
N THR C 213 -12.51 16.97 -23.41
CA THR C 213 -13.36 16.37 -24.43
C THR C 213 -12.47 15.49 -25.30
N PHE C 214 -12.77 14.19 -25.34
CA PHE C 214 -11.96 13.29 -26.13
C PHE C 214 -12.66 11.94 -26.25
N ARG C 215 -12.42 11.26 -27.36
CA ARG C 215 -12.82 9.88 -27.48
C ARG C 215 -11.89 8.99 -26.66
N GLY C 216 -12.41 7.82 -26.26
CA GLY C 216 -11.64 6.82 -25.52
C GLY C 216 -11.70 6.94 -24.01
N GLY C 217 -11.13 5.95 -23.30
CA GLY C 217 -10.59 4.76 -23.91
C GLY C 217 -9.22 4.87 -24.56
N SER C 218 -8.53 3.74 -24.60
CA SER C 218 -7.27 3.61 -25.31
C SER C 218 -7.33 2.60 -26.44
N GLN C 219 -8.28 1.68 -26.40
CA GLN C 219 -8.40 0.65 -27.41
C GLN C 219 -8.86 1.26 -28.73
N THR C 220 -8.55 0.54 -29.80
CA THR C 220 -8.63 1.10 -31.13
C THR C 220 -10.05 1.46 -31.54
N TYR C 221 -11.07 0.81 -30.96
CA TYR C 221 -12.43 0.93 -31.46
C TYR C 221 -13.21 2.09 -30.85
N TRP C 222 -12.63 2.81 -29.89
CA TRP C 222 -13.21 4.05 -29.39
C TRP C 222 -13.19 5.15 -30.41
N GLN C 223 -12.46 4.97 -31.51
CA GLN C 223 -12.37 6.01 -32.52
C GLN C 223 -13.56 6.01 -33.48
N SER C 224 -13.57 7.03 -34.31
CA SER C 224 -14.49 7.25 -35.41
C SER C 224 -13.67 7.67 -36.60
N PRO C 225 -14.07 7.27 -37.82
CA PRO C 225 -13.33 7.70 -39.00
C PRO C 225 -13.66 9.10 -39.45
N VAL C 226 -14.54 9.80 -38.72
CA VAL C 226 -15.05 11.11 -39.08
C VAL C 226 -14.72 12.12 -37.98
N ASP C 227 -14.42 13.36 -38.36
CA ASP C 227 -14.39 14.44 -37.39
C ASP C 227 -15.78 14.61 -36.77
N SER C 228 -15.83 14.69 -35.46
CA SER C 228 -17.07 14.81 -34.75
C SER C 228 -17.04 16.12 -33.97
N TYR C 229 -18.23 16.65 -33.64
CA TYR C 229 -18.32 17.96 -33.01
C TYR C 229 -19.21 17.89 -31.80
N ILE C 230 -18.80 18.60 -30.74
CA ILE C 230 -19.58 18.76 -29.52
C ILE C 230 -19.65 20.25 -29.21
N TYR C 231 -20.84 20.72 -28.85
CA TYR C 231 -21.10 22.14 -28.67
C TYR C 231 -21.39 22.41 -27.21
N TYR C 232 -20.80 23.47 -26.68
CA TYR C 232 -20.97 23.85 -25.28
C TYR C 232 -21.59 25.24 -25.20
N ASP C 233 -22.15 25.55 -24.03
CA ASP C 233 -22.86 26.83 -23.87
C ASP C 233 -23.11 27.10 -22.39
N ASN C 234 -23.26 28.39 -22.08
CA ASN C 234 -23.81 28.85 -20.81
C ASN C 234 -23.12 28.24 -19.61
N LEU C 235 -21.79 28.36 -19.56
CA LEU C 235 -21.04 27.83 -18.42
C LEU C 235 -21.00 28.85 -17.28
N VAL C 236 -21.41 28.41 -16.09
CA VAL C 236 -21.42 29.24 -14.89
C VAL C 236 -20.64 28.51 -13.80
N LEU C 237 -19.39 28.96 -13.53
CA LEU C 237 -18.56 28.42 -12.47
C LEU C 237 -18.58 29.32 -11.23
N ARG C 238 -18.26 28.72 -10.08
CA ARG C 238 -18.64 29.32 -8.82
C ARG C 238 -17.99 28.69 -7.56
N LYS C 239 -17.13 29.46 -6.88
CA LYS C 239 -16.51 29.01 -5.63
C LYS C 239 -17.48 29.24 -4.48
N ILE C 240 -17.54 28.29 -3.56
CA ILE C 240 -18.44 28.35 -2.41
C ILE C 240 -17.68 28.54 -1.10
N ARG C 241 -16.52 27.90 -0.95
CA ARG C 241 -15.76 27.97 0.29
C ARG C 241 -14.35 27.48 0.11
#